data_7T75
#
_entry.id   7T75
#
loop_
_entity.id
_entity.type
_entity.pdbx_description
1 polymer 'HIV Envelope ApexGT2 gp120'
2 polymer 'HIV Envelope ApexGT2 gp41'
3 polymer 'RM20A3 Fab Heavy Chain'
4 polymer 'RM20A3 Fab Light Chain'
5 branched 2-acetamido-2-deoxy-beta-D-glucopyranose-(1-4)-2-acetamido-2-deoxy-beta-D-glucopyranose
6 branched alpha-D-mannopyranose-(1-3)-beta-D-mannopyranose-(1-4)-2-acetamido-2-deoxy-beta-D-glucopyranose-(1-4)-2-acetamido-2-deoxy-beta-D-glucopyranose
7 branched alpha-L-fucopyranose-(1-6)-2-acetamido-2-deoxy-beta-D-glucopyranose
8 non-polymer 2-acetamido-2-deoxy-beta-D-glucopyranose
#
loop_
_entity_poly.entity_id
_entity_poly.type
_entity_poly.pdbx_seq_one_letter_code
_entity_poly.pdbx_strand_id
1 'polypeptide(L)'
;MGILPSPGMPALLSLVSLLSVLLMGCVAETGAENLWVTVYYGVPVWKDAETTLFCASDAKAYETEKHNVWATHACVPTDP
NPQEIHLENVTEEFNMWKNNMVEQMHEDIISLWDQSLKPCVKLTPLCVTLQCTNVTNNITDDMRGELKNCSFNATTELRN
KRQKVYSLFYRLDIVPMGENSTNYRLINCNTSAITQACPKVSFEPIPIHYCAPAGFAILKCKDKKFNGTGPCPSVSTVQC
THGIKPVVSTQLLLNGSLAEEEVIIRSENITNNAKNILVQLNTPVQINCTRPNNNTVKSIRIGPGQAFYYTGDIIGDIRQ
AHCNVSKATWNETLGKVVKQLRKHFGNNTIIRFAQSSGGDLEVTTHSFNCGGEFFYCNTSGLFNSTWISNTSVQGSNSTG
SNDSITLPCRIKQIINMWQRIGQAMYAPPIQGVIRCVSNITGLILTRDGGSTNSTTETFRPGGGDMRDNWRSELYKYKVV
KIEPLGVAPTRCKRRVVGRRRRRR
;
A
2 'polypeptide(L)'
;AVGIGAVSLGFLGAAGSTMGAASMTLTVQARNLLSGIVQQQSNLLRAPEPQQHLLKDTHWGIKQLQARVLAVEHYLRDQQ
LLGIWGCSGKLICCTNVPWNSSWSNRNLSEIWDNMTWLQWDKEISNYTQIIYGLLEESQNQQEKNEQDLLALDGTKHHHH
HH
;
B
3 'polypeptide(L)'
;EVQLVETGGGLVQPGGSLKLSCRASGYTFSSFAMSWVRQAPGKGLEWVSLINDRGGLTFYVDSVKGRFTISRDNSKNTLS
LQMHSLRDGDTAVYYCATGGMSSALQSSKYYFDFWGQGALVTVSS
;
H
4 'polypeptide(L)'
;ALTQPPSVSGSPGQSVTISCTGTSSDIGSYNYVSWYQQHPGKAPKLMIYDVTQRPSGVSDRFSGSKSGNTASLTISGLQA
DDEADYYCSAYAGRQTFYIFGGGTRLTVLGQPKASPTVTLFPPSSEEL
;
L
#
loop_
_chem_comp.id
_chem_comp.type
_chem_comp.name
_chem_comp.formula
BMA D-saccharide, beta linking beta-D-mannopyranose 'C6 H12 O6'
FUC L-saccharide, alpha linking alpha-L-fucopyranose 'C6 H12 O5'
MAN D-saccharide, alpha linking alpha-D-mannopyranose 'C6 H12 O6'
NAG D-saccharide, beta linking 2-acetamido-2-deoxy-beta-D-glucopyranose 'C8 H15 N O6'
#
# COMPACT_ATOMS: atom_id res chain seq x y z
N ASN A 34 11.34 -31.24 -11.24
CA ASN A 34 11.20 -30.04 -12.04
C ASN A 34 11.23 -28.80 -11.10
N LEU A 35 10.06 -28.40 -10.55
CA LEU A 35 9.85 -27.27 -9.64
C LEU A 35 9.24 -27.76 -8.35
N TRP A 36 9.58 -27.09 -7.27
CA TRP A 36 9.19 -27.42 -5.91
C TRP A 36 8.58 -26.24 -5.20
N VAL A 37 7.65 -26.49 -4.28
CA VAL A 37 7.02 -25.43 -3.46
C VAL A 37 8.09 -24.83 -2.53
N THR A 38 8.29 -23.52 -2.55
CA THR A 38 9.16 -22.83 -1.62
C THR A 38 8.33 -21.82 -0.85
N VAL A 39 8.50 -21.84 0.45
CA VAL A 39 7.76 -21.00 1.36
C VAL A 39 8.55 -19.73 1.67
N TYR A 40 7.90 -18.59 1.54
CA TYR A 40 8.50 -17.31 1.84
C TYR A 40 7.71 -16.55 2.90
N TYR A 41 8.41 -15.97 3.85
CA TYR A 41 7.74 -15.18 4.88
C TYR A 41 8.30 -13.78 4.91
N GLY A 42 7.43 -12.78 4.86
CA GLY A 42 7.82 -11.38 4.82
C GLY A 42 7.50 -10.80 3.44
N VAL A 43 6.58 -11.43 2.75
CA VAL A 43 6.12 -11.06 1.42
C VAL A 43 5.27 -9.77 1.43
N PRO A 44 5.54 -8.77 0.56
CA PRO A 44 4.83 -7.50 0.50
C PRO A 44 3.46 -7.58 -0.19
N VAL A 45 2.57 -8.29 0.46
CA VAL A 45 1.21 -8.55 0.02
C VAL A 45 0.20 -8.16 1.07
N TRP A 46 -0.94 -7.64 0.63
CA TRP A 46 -1.99 -7.24 1.52
C TRP A 46 -3.37 -7.46 0.94
N LYS A 47 -4.36 -7.46 1.81
CA LYS A 47 -5.77 -7.61 1.45
C LYS A 47 -6.61 -6.56 2.16
N ASP A 48 -7.72 -6.17 1.57
CA ASP A 48 -8.57 -5.17 2.23
C ASP A 48 -9.05 -5.65 3.57
N ALA A 49 -9.07 -4.78 4.57
CA ALA A 49 -9.52 -5.23 5.88
C ALA A 49 -10.06 -4.13 6.75
N GLU A 50 -10.87 -4.52 7.72
CA GLU A 50 -11.37 -3.58 8.71
C GLU A 50 -10.72 -3.88 10.04
N THR A 51 -10.42 -2.85 10.79
CA THR A 51 -9.85 -3.01 12.11
C THR A 51 -10.16 -1.79 12.93
N THR A 52 -9.56 -1.72 14.10
CA THR A 52 -9.72 -0.59 14.99
C THR A 52 -8.48 0.28 14.89
N LEU A 53 -8.66 1.54 14.54
CA LEU A 53 -7.54 2.45 14.45
C LEU A 53 -7.41 3.19 15.74
N PHE A 54 -6.22 3.65 16.07
CA PHE A 54 -6.06 4.37 17.32
C PHE A 54 -5.70 5.83 17.06
N CYS A 55 -5.92 6.69 18.09
CA CYS A 55 -5.65 8.12 18.05
C CYS A 55 -4.17 8.44 18.13
N ALA A 56 -3.84 9.56 17.55
CA ALA A 56 -2.58 10.17 17.84
C ALA A 56 -2.79 11.68 17.73
N SER A 57 -2.52 12.40 18.82
CA SER A 57 -2.71 13.86 18.80
C SER A 57 -1.67 14.62 19.66
N ASP A 58 -1.60 15.97 19.52
CA ASP A 58 -0.72 16.86 20.27
C ASP A 58 -1.53 17.53 21.39
N GLN A 83 7.99 7.86 7.69
CA GLN A 83 6.55 7.99 7.94
C GLN A 83 5.70 7.70 6.68
N GLU A 84 6.24 8.01 5.47
CA GLU A 84 5.58 7.78 4.16
C GLU A 84 6.53 7.15 3.16
N ILE A 85 6.07 6.06 2.55
CA ILE A 85 6.82 5.27 1.57
C ILE A 85 6.13 5.27 0.23
N HIS A 86 6.81 5.62 -0.84
CA HIS A 86 6.16 5.74 -2.14
C HIS A 86 5.59 4.49 -2.86
N LEU A 87 6.05 3.26 -2.64
CA LEU A 87 5.42 2.16 -3.40
C LEU A 87 5.35 2.44 -4.93
N GLU A 88 6.51 2.52 -5.56
CA GLU A 88 6.68 2.99 -6.94
C GLU A 88 5.79 2.45 -8.06
N ASN A 89 5.46 1.14 -8.13
CA ASN A 89 4.64 0.58 -9.22
C ASN A 89 3.33 -0.06 -8.73
N VAL A 90 2.74 0.45 -7.62
CA VAL A 90 1.49 -0.05 -7.06
C VAL A 90 0.30 0.75 -7.52
N THR A 91 -0.68 0.07 -8.07
CA THR A 91 -1.94 0.68 -8.45
C THR A 91 -2.92 0.03 -7.54
N GLU A 92 -3.74 0.81 -6.88
CA GLU A 92 -4.67 0.25 -5.92
C GLU A 92 -6.07 0.75 -6.18
N GLU A 93 -7.05 -0.06 -5.81
CA GLU A 93 -8.46 0.27 -5.96
C GLU A 93 -9.02 0.90 -4.70
N PHE A 94 -9.50 2.12 -4.81
CA PHE A 94 -10.04 2.84 -3.68
C PHE A 94 -11.55 2.98 -3.81
N ASN A 95 -12.25 3.05 -2.67
CA ASN A 95 -13.69 3.25 -2.73
C ASN A 95 -14.26 4.01 -1.54
N MET A 96 -14.25 5.34 -1.59
CA MET A 96 -14.80 6.09 -0.49
C MET A 96 -16.27 5.69 -0.49
N TRP A 97 -16.96 5.86 0.61
CA TRP A 97 -18.37 5.44 0.80
C TRP A 97 -18.45 3.99 1.29
N LYS A 98 -17.40 3.20 1.07
CA LYS A 98 -17.30 1.85 1.62
C LYS A 98 -16.10 1.77 2.54
N ASN A 99 -15.60 2.95 2.89
CA ASN A 99 -14.45 3.17 3.74
C ASN A 99 -14.84 3.19 5.20
N ASN A 100 -14.45 2.16 5.95
CA ASN A 100 -14.90 2.01 7.34
C ASN A 100 -14.16 2.94 8.29
N MET A 101 -13.22 3.72 7.79
CA MET A 101 -12.51 4.67 8.63
C MET A 101 -13.48 5.77 8.98
N VAL A 102 -14.48 5.97 8.12
CA VAL A 102 -15.47 7.01 8.28
C VAL A 102 -16.40 6.65 9.41
N GLU A 103 -16.80 5.38 9.44
CA GLU A 103 -17.69 4.91 10.48
C GLU A 103 -16.99 4.94 11.81
N GLN A 104 -15.70 4.60 11.85
CA GLN A 104 -15.02 4.69 13.12
C GLN A 104 -14.91 6.11 13.58
N MET A 105 -14.57 7.05 12.69
CA MET A 105 -14.44 8.41 13.14
C MET A 105 -15.77 8.91 13.65
N HIS A 106 -16.85 8.54 13.00
CA HIS A 106 -18.15 9.01 13.45
C HIS A 106 -18.42 8.58 14.87
N GLU A 107 -18.19 7.31 15.16
CA GLU A 107 -18.46 6.82 16.50
C GLU A 107 -17.50 7.40 17.53
N ASP A 108 -16.24 7.62 17.17
CA ASP A 108 -15.29 8.15 18.13
C ASP A 108 -15.58 9.59 18.48
N ILE A 109 -16.00 10.40 17.49
CA ILE A 109 -16.30 11.79 17.77
C ILE A 109 -17.51 11.89 18.67
N ILE A 110 -18.53 11.08 18.41
CA ILE A 110 -19.70 11.14 19.26
C ILE A 110 -19.37 10.69 20.66
N SER A 111 -18.62 9.60 20.81
CA SER A 111 -18.27 9.12 22.13
C SER A 111 -17.49 10.14 22.92
N LEU A 112 -16.49 10.78 22.31
CA LEU A 112 -15.70 11.75 23.02
C LEU A 112 -16.57 12.94 23.41
N TRP A 113 -17.49 13.35 22.54
CA TRP A 113 -18.39 14.43 22.83
C TRP A 113 -19.18 14.10 24.09
N ASP A 114 -19.80 12.91 24.13
CA ASP A 114 -20.61 12.54 25.28
C ASP A 114 -19.80 12.44 26.55
N GLN A 115 -18.57 11.96 26.46
CA GLN A 115 -17.75 11.82 27.65
C GLN A 115 -17.49 13.17 28.30
N SER A 116 -17.33 14.22 27.48
CA SER A 116 -17.01 15.53 27.99
C SER A 116 -18.15 16.15 28.79
N LEU A 117 -19.37 15.64 28.67
CA LEU A 117 -20.49 16.20 29.39
C LEU A 117 -20.78 15.47 30.68
N LYS A 118 -20.11 14.34 30.93
CA LYS A 118 -20.43 13.56 32.11
C LYS A 118 -20.26 14.31 33.43
N PRO A 119 -19.21 15.11 33.65
CA PRO A 119 -19.01 15.85 34.87
C PRO A 119 -19.69 17.24 34.97
N CYS A 120 -20.57 17.61 34.01
CA CYS A 120 -21.15 18.95 33.91
C CYS A 120 -22.52 19.00 34.60
N VAL A 121 -22.94 20.21 34.97
CA VAL A 121 -24.21 20.39 35.66
C VAL A 121 -25.40 20.04 34.81
N LYS A 122 -26.28 19.20 35.36
CA LYS A 122 -27.48 18.77 34.67
C LYS A 122 -28.60 19.73 35.05
N LEU A 123 -29.23 20.36 34.08
CA LEU A 123 -30.19 21.40 34.37
C LEU A 123 -31.61 20.93 34.58
N THR A 124 -31.83 20.14 35.60
CA THR A 124 -33.17 19.66 35.89
C THR A 124 -33.98 20.65 36.73
N PRO A 125 -33.37 21.48 37.63
CA PRO A 125 -34.04 22.47 38.43
C PRO A 125 -34.70 23.54 37.58
N LEU A 126 -34.30 23.63 36.33
CA LEU A 126 -34.83 24.66 35.47
C LEU A 126 -36.06 24.29 34.62
N CYS A 127 -36.54 23.06 34.76
CA CYS A 127 -37.76 22.58 34.11
C CYS A 127 -38.92 23.06 34.94
N VAL A 128 -39.23 24.34 34.91
CA VAL A 128 -40.24 25.05 35.64
C VAL A 128 -40.95 25.94 34.67
N THR A 129 -42.08 26.48 35.07
CA THR A 129 -42.75 27.39 34.17
C THR A 129 -41.99 28.70 34.19
N LEU A 130 -41.87 29.34 33.04
CA LEU A 130 -41.13 30.60 32.93
C LEU A 130 -42.20 31.62 32.58
N GLN A 131 -42.08 32.85 33.06
CA GLN A 131 -43.04 33.91 32.69
C GLN A 131 -42.29 34.86 31.78
N CYS A 132 -42.63 34.88 30.50
CA CYS A 132 -41.83 35.62 29.49
C CYS A 132 -42.56 36.81 28.88
N THR A 133 -41.90 37.97 28.87
CA THR A 133 -42.41 39.19 28.26
C THR A 133 -41.38 39.65 27.23
N ASN A 134 -41.73 40.66 26.38
CA ASN A 134 -40.84 41.24 25.38
C ASN A 134 -39.72 42.04 26.07
N VAL A 135 -38.50 42.01 25.49
CA VAL A 135 -37.32 42.70 26.00
C VAL A 135 -37.40 44.20 25.79
N THR A 136 -37.21 44.94 26.87
CA THR A 136 -37.31 46.39 26.88
C THR A 136 -36.05 47.06 26.42
N ASN A 137 -35.77 46.93 25.14
CA ASN A 137 -34.58 47.50 24.53
C ASN A 137 -34.90 47.91 23.08
N ASN A 138 -33.92 48.49 22.36
CA ASN A 138 -34.06 48.92 20.98
C ASN A 138 -33.71 47.75 20.05
N ILE A 139 -34.75 46.98 19.73
CA ILE A 139 -34.72 45.78 18.90
C ILE A 139 -35.10 46.13 17.50
N THR A 140 -34.23 45.79 16.56
CA THR A 140 -34.50 46.12 15.17
C THR A 140 -35.57 45.21 14.60
N ASP A 141 -36.07 45.53 13.43
CA ASP A 141 -37.17 44.75 12.85
C ASP A 141 -36.85 43.28 12.68
N ASP A 142 -35.60 43.01 12.31
CA ASP A 142 -35.10 41.66 12.04
C ASP A 142 -35.05 40.79 13.29
N MET A 143 -35.04 41.44 14.45
CA MET A 143 -34.96 40.78 15.73
C MET A 143 -36.25 40.83 16.54
N ARG A 144 -37.34 41.30 15.97
CA ARG A 144 -38.52 41.35 16.81
C ARG A 144 -39.02 39.96 17.03
N GLY A 145 -39.27 39.63 18.28
CA GLY A 145 -39.78 38.32 18.63
C GLY A 145 -38.67 37.28 18.86
N GLU A 146 -37.40 37.66 18.62
CA GLU A 146 -36.29 36.74 18.79
C GLU A 146 -35.89 36.51 20.22
N LEU A 147 -36.05 37.50 21.08
CA LEU A 147 -35.70 37.38 22.48
C LEU A 147 -36.86 37.59 23.37
N LYS A 148 -36.85 36.87 24.47
CA LYS A 148 -37.81 37.03 25.53
C LYS A 148 -37.11 37.16 26.89
N ASN A 149 -37.67 38.02 27.76
CA ASN A 149 -37.24 38.28 29.13
C ASN A 149 -38.08 37.42 30.08
N CYS A 150 -37.51 36.28 30.55
CA CYS A 150 -38.25 35.24 31.30
C CYS A 150 -37.87 35.16 32.77
N SER A 151 -38.91 35.22 33.61
CA SER A 151 -38.73 35.10 35.06
C SER A 151 -39.07 33.71 35.55
N PHE A 152 -38.33 33.22 36.54
CA PHE A 152 -38.64 31.94 37.15
C PHE A 152 -38.11 31.79 38.58
N ASN A 153 -38.66 30.81 39.34
CA ASN A 153 -38.23 30.44 40.70
C ASN A 153 -37.27 29.25 40.65
N ALA A 154 -35.98 29.51 40.84
CA ALA A 154 -34.87 28.56 40.77
C ALA A 154 -34.56 28.03 42.15
N THR A 155 -33.98 26.86 42.20
CA THR A 155 -33.51 26.30 43.44
C THR A 155 -32.23 27.00 43.78
N THR A 156 -31.76 26.82 45.00
CA THR A 156 -30.53 27.40 45.48
C THR A 156 -29.73 26.25 46.06
N GLU A 157 -28.59 26.55 46.64
CA GLU A 157 -27.76 25.53 47.26
C GLU A 157 -28.42 24.86 48.48
N LEU A 158 -29.48 25.47 49.04
CA LEU A 158 -30.20 24.86 50.16
C LEU A 158 -31.58 24.42 49.67
N ARG A 159 -32.01 23.25 50.11
CA ARG A 159 -33.26 22.66 49.65
C ARG A 159 -34.54 23.37 50.02
N ASN A 160 -34.51 24.15 51.07
CA ASN A 160 -35.70 24.83 51.50
C ASN A 160 -35.73 26.29 51.09
N LYS A 161 -34.88 26.68 50.14
CA LYS A 161 -34.82 28.05 49.66
C LYS A 161 -35.04 28.13 48.15
N ARG A 162 -35.57 29.26 47.69
CA ARG A 162 -35.77 29.52 46.27
C ARG A 162 -35.30 30.92 45.96
N GLN A 163 -34.95 31.16 44.71
CA GLN A 163 -34.53 32.48 44.29
C GLN A 163 -35.25 32.89 43.02
N LYS A 164 -35.54 34.18 42.89
CA LYS A 164 -36.17 34.67 41.68
C LYS A 164 -35.10 35.12 40.71
N VAL A 165 -35.14 34.55 39.52
CA VAL A 165 -34.16 34.77 38.49
C VAL A 165 -34.80 35.21 37.21
N TYR A 166 -34.21 36.16 36.52
CA TYR A 166 -34.74 36.45 35.21
C TYR A 166 -33.57 36.34 34.28
N SER A 167 -33.85 35.95 33.06
CA SER A 167 -32.82 35.82 32.06
C SER A 167 -33.35 35.98 30.67
N LEU A 168 -32.46 36.21 29.72
CA LEU A 168 -32.88 36.28 28.34
C LEU A 168 -32.72 34.97 27.64
N PHE A 169 -33.75 34.59 26.92
CA PHE A 169 -33.73 33.38 26.13
C PHE A 169 -34.05 33.69 24.71
N TYR A 170 -33.51 32.88 23.83
CA TYR A 170 -33.88 33.02 22.45
C TYR A 170 -35.21 32.35 22.32
N ARG A 171 -36.04 32.87 21.46
CA ARG A 171 -37.35 32.31 21.26
C ARG A 171 -37.30 30.86 20.79
N LEU A 172 -36.26 30.48 20.07
CA LEU A 172 -36.13 29.11 19.57
C LEU A 172 -35.95 28.08 20.68
N ASP A 173 -35.55 28.51 21.86
CA ASP A 173 -35.31 27.63 22.99
C ASP A 173 -36.49 27.46 23.92
N ILE A 174 -37.59 28.17 23.69
CA ILE A 174 -38.74 28.10 24.59
C ILE A 174 -40.02 27.80 23.83
N VAL A 175 -41.01 27.29 24.52
CA VAL A 175 -42.30 27.01 23.91
C VAL A 175 -43.46 27.41 24.84
N PRO A 176 -44.53 28.08 24.34
CA PRO A 176 -45.73 28.45 25.08
C PRO A 176 -46.46 27.24 25.60
N MET A 177 -47.08 27.36 26.75
CA MET A 177 -47.89 26.27 27.26
C MET A 177 -49.36 26.62 27.22
N GLY A 178 -50.15 25.77 26.56
CA GLY A 178 -51.60 26.02 26.50
C GLY A 178 -51.92 27.22 25.62
N GLU A 179 -50.97 27.56 24.74
CA GLU A 179 -51.01 28.71 23.86
C GLU A 179 -51.03 30.03 24.67
N ASN A 180 -50.50 29.99 25.92
CA ASN A 180 -50.50 31.19 26.82
C ASN A 180 -49.30 32.10 26.53
N SER A 181 -49.53 33.41 26.50
CA SER A 181 -48.46 34.37 26.06
C SER A 181 -47.62 34.88 27.22
N THR A 182 -47.86 34.38 28.42
CA THR A 182 -46.91 34.78 29.47
C THR A 182 -46.19 33.52 29.93
N ASN A 183 -46.80 32.35 29.80
CA ASN A 183 -46.19 31.13 30.39
C ASN A 183 -45.54 30.25 29.33
N TYR A 184 -44.24 30.07 29.45
CA TYR A 184 -43.47 29.25 28.51
C TYR A 184 -42.66 28.25 29.30
N ARG A 185 -42.27 27.16 28.65
CA ARG A 185 -41.38 26.15 29.26
C ARG A 185 -40.17 26.09 28.32
N LEU A 186 -39.08 25.47 28.71
CA LEU A 186 -37.93 25.27 27.81
C LEU A 186 -38.33 24.22 26.82
N ILE A 187 -37.65 24.12 25.68
CA ILE A 187 -38.03 23.21 24.56
C ILE A 187 -37.96 21.73 24.94
N ASN A 188 -36.99 21.32 25.73
CA ASN A 188 -36.72 19.90 26.01
C ASN A 188 -37.40 19.34 27.24
N CYS A 189 -38.19 20.11 27.95
CA CYS A 189 -38.74 19.67 29.24
C CYS A 189 -39.65 18.45 29.03
N ASN A 190 -40.23 18.28 27.84
CA ASN A 190 -41.09 17.12 27.54
C ASN A 190 -40.36 15.91 26.93
N THR A 191 -39.08 16.00 26.62
CA THR A 191 -38.40 14.89 25.95
C THR A 191 -37.10 14.53 26.65
N SER A 192 -36.49 15.48 27.33
CA SER A 192 -35.15 15.16 27.87
C SER A 192 -34.71 16.04 29.01
N ALA A 193 -33.63 15.64 29.65
CA ALA A 193 -32.99 16.51 30.63
C ALA A 193 -31.85 17.23 29.89
N ILE A 194 -31.72 18.54 30.06
CA ILE A 194 -30.67 19.29 29.33
C ILE A 194 -29.45 19.22 30.21
N THR A 195 -28.33 19.02 29.58
CA THR A 195 -27.10 19.12 30.36
C THR A 195 -26.32 20.37 29.96
N GLN A 196 -25.85 21.16 30.90
CA GLN A 196 -25.10 22.35 30.55
C GLN A 196 -23.69 22.00 30.20
N ALA A 197 -23.19 22.50 29.09
CA ALA A 197 -21.80 22.26 28.74
C ALA A 197 -20.93 22.99 29.75
N CYS A 198 -19.79 22.40 30.16
CA CYS A 198 -18.84 23.02 31.09
C CYS A 198 -18.16 24.24 30.41
N PRO A 199 -18.22 25.44 30.99
CA PRO A 199 -17.62 26.68 30.48
C PRO A 199 -16.11 26.63 30.29
N LYS A 200 -15.46 25.69 30.97
CA LYS A 200 -14.03 25.54 30.91
C LYS A 200 -13.59 24.64 29.76
N VAL A 201 -14.54 24.01 29.08
CA VAL A 201 -14.22 23.09 28.01
C VAL A 201 -14.61 23.71 26.69
N SER A 202 -13.64 23.87 25.81
CA SER A 202 -13.88 24.47 24.51
C SER A 202 -14.48 23.48 23.53
N PHE A 203 -15.03 24.01 22.43
CA PHE A 203 -15.56 23.19 21.37
C PHE A 203 -14.67 23.21 20.14
N GLU A 204 -13.43 23.68 20.32
CA GLU A 204 -12.49 23.81 19.23
C GLU A 204 -12.18 22.44 18.59
N PRO A 205 -12.25 22.31 17.26
CA PRO A 205 -12.01 21.10 16.51
C PRO A 205 -10.53 20.78 16.37
N ILE A 206 -9.92 20.34 17.46
CA ILE A 206 -8.50 20.00 17.51
C ILE A 206 -8.23 18.78 16.62
N PRO A 207 -7.22 18.79 15.72
CA PRO A 207 -6.89 17.71 14.80
C PRO A 207 -6.60 16.37 15.45
N ILE A 208 -7.10 15.31 14.83
CA ILE A 208 -6.88 13.94 15.23
C ILE A 208 -6.25 13.14 14.10
N HIS A 209 -5.23 12.35 14.41
CA HIS A 209 -4.63 11.51 13.41
C HIS A 209 -5.06 10.07 13.70
N TYR A 210 -5.39 9.28 12.69
CA TYR A 210 -5.69 7.86 12.93
C TYR A 210 -4.57 6.96 12.47
N CYS A 211 -4.06 6.11 13.38
CA CYS A 211 -2.89 5.24 13.17
C CYS A 211 -3.27 3.77 13.13
N ALA A 212 -2.59 3.01 12.28
CA ALA A 212 -2.89 1.58 12.18
C ALA A 212 -2.14 0.74 13.23
N PRO A 213 -2.73 -0.35 13.71
CA PRO A 213 -2.12 -1.34 14.57
C PRO A 213 -1.13 -2.17 13.78
N ALA A 214 -0.17 -2.79 14.46
CA ALA A 214 0.79 -3.62 13.75
C ALA A 214 0.08 -4.74 13.04
N GLY A 215 0.55 -5.05 11.84
CA GLY A 215 -0.04 -6.09 11.02
C GLY A 215 -0.95 -5.48 9.96
N PHE A 216 -1.22 -4.18 10.09
CA PHE A 216 -2.06 -3.38 9.20
C PHE A 216 -1.31 -2.18 8.68
N ALA A 217 -1.80 -1.64 7.58
CA ALA A 217 -1.20 -0.44 7.00
C ALA A 217 -2.25 0.44 6.40
N ILE A 218 -1.97 1.74 6.36
CA ILE A 218 -2.87 2.67 5.71
C ILE A 218 -2.27 3.10 4.40
N LEU A 219 -3.01 2.92 3.33
CA LEU A 219 -2.54 3.32 2.03
C LEU A 219 -3.16 4.67 1.75
N LYS A 220 -2.43 5.51 1.05
CA LYS A 220 -2.91 6.84 0.70
C LYS A 220 -2.82 7.07 -0.82
N CYS A 221 -3.89 7.63 -1.41
CA CYS A 221 -3.96 7.98 -2.83
C CYS A 221 -3.46 9.40 -3.05
N LYS A 222 -2.42 9.54 -3.86
CA LYS A 222 -1.80 10.82 -4.15
C LYS A 222 -2.19 11.40 -5.50
N ASP A 223 -3.14 10.79 -6.16
CA ASP A 223 -3.61 11.27 -7.44
C ASP A 223 -4.48 12.51 -7.26
N LYS A 224 -4.00 13.65 -7.76
CA LYS A 224 -4.62 14.96 -7.61
C LYS A 224 -5.99 15.06 -8.26
N LYS A 225 -6.28 14.19 -9.21
CA LYS A 225 -7.57 14.22 -9.87
C LYS A 225 -8.49 13.11 -9.40
N PHE A 226 -8.09 12.40 -8.35
CA PHE A 226 -8.89 11.30 -7.86
C PHE A 226 -10.21 11.77 -7.28
N ASN A 227 -11.32 11.13 -7.72
CA ASN A 227 -12.70 11.43 -7.37
C ASN A 227 -13.32 10.49 -6.31
N GLY A 228 -12.51 9.73 -5.57
CA GLY A 228 -12.93 8.83 -4.48
C GLY A 228 -13.06 7.37 -4.83
N THR A 229 -13.19 7.02 -6.10
CA THR A 229 -13.31 5.62 -6.45
C THR A 229 -12.45 5.19 -7.61
N GLY A 230 -12.20 3.90 -7.69
CA GLY A 230 -11.51 3.34 -8.83
C GLY A 230 -10.03 3.27 -8.57
N PRO A 231 -9.23 2.85 -9.56
CA PRO A 231 -7.82 2.67 -9.43
C PRO A 231 -7.15 4.02 -9.22
N CYS A 232 -6.09 4.01 -8.42
CA CYS A 232 -5.24 5.13 -8.10
C CYS A 232 -3.80 4.70 -8.44
N PRO A 233 -3.19 5.26 -9.50
CA PRO A 233 -1.87 4.94 -10.02
C PRO A 233 -0.72 5.42 -9.16
N SER A 234 -0.98 6.26 -8.17
CA SER A 234 0.07 6.80 -7.33
C SER A 234 -0.34 6.63 -5.89
N VAL A 235 0.18 5.60 -5.27
CA VAL A 235 -0.20 5.17 -3.94
C VAL A 235 0.98 5.08 -3.03
N SER A 236 0.89 5.61 -1.83
CA SER A 236 1.97 5.51 -0.86
C SER A 236 1.47 4.86 0.42
N THR A 237 2.37 4.39 1.24
CA THR A 237 1.99 3.79 2.51
C THR A 237 2.34 4.75 3.61
N VAL A 238 1.40 4.98 4.51
CA VAL A 238 1.68 5.87 5.61
C VAL A 238 1.44 5.18 6.92
N GLN A 239 2.17 5.60 7.93
CA GLN A 239 1.98 5.05 9.27
C GLN A 239 0.66 5.47 9.96
N CYS A 240 0.23 6.73 9.73
CA CYS A 240 -0.87 7.39 10.39
C CYS A 240 -1.36 8.49 9.43
N THR A 241 -2.64 8.83 9.48
CA THR A 241 -3.22 9.84 8.59
C THR A 241 -2.81 11.23 9.00
N HIS A 242 -3.10 12.20 8.13
CA HIS A 242 -2.87 13.61 8.43
C HIS A 242 -3.82 13.98 9.53
N GLY A 243 -3.60 15.12 10.16
CA GLY A 243 -4.52 15.48 11.21
C GLY A 243 -5.79 16.03 10.61
N ILE A 244 -6.90 15.45 11.02
CA ILE A 244 -8.19 15.84 10.54
C ILE A 244 -8.95 16.58 11.60
N LYS A 245 -9.40 17.78 11.28
CA LYS A 245 -10.14 18.55 12.26
C LYS A 245 -11.60 18.16 12.20
N PRO A 246 -12.22 17.72 13.29
CA PRO A 246 -13.59 17.31 13.35
C PRO A 246 -14.48 18.52 13.41
N VAL A 247 -14.53 19.26 12.33
CA VAL A 247 -15.34 20.45 12.25
C VAL A 247 -16.73 19.95 11.97
N VAL A 248 -17.68 20.40 12.76
CA VAL A 248 -19.05 19.96 12.59
C VAL A 248 -19.88 21.09 12.00
N SER A 249 -20.35 20.89 10.78
CA SER A 249 -21.16 21.86 10.05
C SER A 249 -22.04 21.14 9.06
N THR A 250 -23.05 21.83 8.55
CA THR A 250 -23.94 21.20 7.56
C THR A 250 -23.64 21.44 6.09
N GLN A 251 -24.33 22.37 5.47
CA GLN A 251 -24.21 22.55 4.03
C GLN A 251 -22.92 23.13 3.44
N LEU A 252 -22.15 23.85 4.23
CA LEU A 252 -20.87 24.37 3.74
C LEU A 252 -19.83 23.75 4.64
N LEU A 253 -18.85 23.12 4.02
CA LEU A 253 -17.77 22.48 4.74
C LEU A 253 -16.75 23.52 5.02
N LEU A 254 -16.38 23.64 6.28
CA LEU A 254 -15.44 24.66 6.66
C LEU A 254 -14.13 24.06 7.09
N ASN A 255 -13.04 24.81 6.84
CA ASN A 255 -11.66 24.57 7.29
C ASN A 255 -11.11 23.16 6.95
N GLY A 256 -11.43 22.61 5.76
CA GLY A 256 -10.97 21.30 5.31
C GLY A 256 -9.84 21.43 4.34
N SER A 257 -9.57 20.37 3.63
CA SER A 257 -8.52 20.36 2.65
C SER A 257 -9.07 20.85 1.32
N LEU A 258 -8.24 21.55 0.58
CA LEU A 258 -8.59 22.00 -0.76
C LEU A 258 -8.05 21.08 -1.81
N ALA A 259 -8.71 21.07 -2.95
CA ALA A 259 -8.28 20.32 -4.08
C ALA A 259 -7.00 20.95 -4.58
N GLU A 260 -6.08 20.13 -5.08
CA GLU A 260 -4.80 20.63 -5.56
C GLU A 260 -4.87 21.44 -6.85
N GLU A 261 -5.74 21.02 -7.76
CA GLU A 261 -5.80 21.67 -9.07
C GLU A 261 -7.17 22.20 -9.49
N GLU A 262 -8.20 21.37 -9.37
CA GLU A 262 -9.53 21.67 -9.90
C GLU A 262 -10.59 21.39 -8.87
N VAL A 263 -11.77 21.96 -9.07
CA VAL A 263 -12.88 21.62 -8.22
C VAL A 263 -13.25 20.16 -8.49
N ILE A 264 -13.40 19.36 -7.46
CA ILE A 264 -13.72 17.95 -7.67
C ILE A 264 -15.09 17.58 -7.18
N ILE A 265 -15.88 17.01 -8.06
CA ILE A 265 -17.22 16.62 -7.68
C ILE A 265 -17.31 15.12 -7.46
N ARG A 266 -17.64 14.73 -6.24
CA ARG A 266 -17.69 13.33 -5.87
C ARG A 266 -19.08 12.87 -5.49
N SER A 267 -19.52 11.77 -6.05
CA SER A 267 -20.83 11.23 -5.71
C SER A 267 -20.81 9.73 -5.84
N GLU A 268 -21.47 9.04 -4.91
CA GLU A 268 -21.50 7.57 -4.96
C GLU A 268 -22.07 7.05 -6.30
N ASN A 269 -23.13 7.71 -6.80
CA ASN A 269 -23.82 7.48 -8.05
C ASN A 269 -24.37 8.85 -8.51
N ILE A 270 -23.67 9.52 -9.45
CA ILE A 270 -23.97 10.91 -9.85
C ILE A 270 -25.35 11.11 -10.52
N THR A 271 -25.87 10.07 -11.17
CA THR A 271 -27.16 10.17 -11.83
C THR A 271 -28.31 9.84 -10.90
N ASN A 272 -28.01 9.39 -9.69
CA ASN A 272 -28.99 9.00 -8.70
C ASN A 272 -29.33 10.22 -7.84
N ASN A 273 -30.57 10.69 -7.88
CA ASN A 273 -30.90 11.92 -7.17
C ASN A 273 -31.15 11.68 -5.68
N ALA A 274 -30.96 10.45 -5.24
CA ALA A 274 -31.08 10.11 -3.83
C ALA A 274 -29.73 10.22 -3.13
N LYS A 275 -28.68 10.52 -3.89
CA LYS A 275 -27.34 10.61 -3.33
C LYS A 275 -26.87 12.04 -3.18
N ASN A 276 -25.95 12.27 -2.24
CA ASN A 276 -25.41 13.62 -2.07
C ASN A 276 -24.18 13.78 -2.92
N ILE A 277 -23.91 15.01 -3.31
CA ILE A 277 -22.75 15.38 -4.06
C ILE A 277 -21.80 16.18 -3.20
N LEU A 278 -20.57 15.72 -3.06
CA LEU A 278 -19.60 16.43 -2.26
C LEU A 278 -18.70 17.19 -3.20
N VAL A 279 -18.69 18.50 -3.09
CA VAL A 279 -17.89 19.29 -4.00
C VAL A 279 -16.70 19.88 -3.27
N GLN A 280 -15.49 19.50 -3.67
CA GLN A 280 -14.27 20.01 -3.04
C GLN A 280 -13.78 21.20 -3.84
N LEU A 281 -13.52 22.31 -3.17
CA LEU A 281 -13.10 23.48 -3.91
C LEU A 281 -11.59 23.48 -4.01
N ASN A 282 -11.03 24.15 -5.02
CA ASN A 282 -9.58 24.27 -5.14
C ASN A 282 -9.07 25.61 -4.61
N THR A 283 -9.99 26.43 -4.15
CA THR A 283 -9.72 27.73 -3.55
C THR A 283 -10.68 27.89 -2.40
N PRO A 284 -10.30 28.51 -1.29
CA PRO A 284 -11.18 28.78 -0.18
C PRO A 284 -12.05 29.96 -0.49
N VAL A 285 -13.22 30.02 0.11
CA VAL A 285 -14.01 31.24 0.07
C VAL A 285 -14.10 31.72 1.51
N GLN A 286 -13.66 32.92 1.78
CA GLN A 286 -13.67 33.34 3.17
C GLN A 286 -15.02 33.85 3.59
N ILE A 287 -15.48 33.36 4.74
CA ILE A 287 -16.75 33.76 5.33
C ILE A 287 -16.53 34.33 6.76
N ASN A 288 -17.04 35.55 7.01
CA ASN A 288 -16.92 36.31 8.27
C ASN A 288 -18.24 36.34 9.02
N CYS A 289 -18.32 35.67 10.20
CA CYS A 289 -19.56 35.54 10.98
C CYS A 289 -19.49 36.32 12.28
N THR A 290 -20.60 36.96 12.62
CA THR A 290 -20.65 37.72 13.85
C THR A 290 -21.99 37.73 14.55
N ARG A 291 -21.92 37.93 15.85
CA ARG A 291 -23.05 38.15 16.72
C ARG A 291 -22.81 39.51 17.36
N PRO A 292 -23.26 40.61 16.74
CA PRO A 292 -22.94 41.99 17.05
C PRO A 292 -23.71 42.56 18.22
N ASN A 293 -23.69 41.88 19.33
CA ASN A 293 -24.43 42.27 20.53
C ASN A 293 -23.51 42.01 21.68
N ASN A 294 -23.44 42.95 22.64
CA ASN A 294 -22.60 42.84 23.83
C ASN A 294 -23.41 42.22 24.98
N ASN A 295 -23.16 40.92 25.24
CA ASN A 295 -23.87 40.10 26.22
C ASN A 295 -23.23 40.10 27.59
N THR A 296 -24.04 40.41 28.59
CA THR A 296 -23.63 40.41 29.98
C THR A 296 -24.05 39.08 30.53
N VAL A 297 -23.08 38.29 30.94
CA VAL A 297 -23.33 36.95 31.43
C VAL A 297 -23.24 36.88 32.94
N LYS A 298 -24.30 36.33 33.51
CA LYS A 298 -24.51 36.21 34.94
C LYS A 298 -24.66 34.75 35.32
N SER A 299 -24.48 34.44 36.60
CA SER A 299 -24.72 33.07 37.02
C SER A 299 -25.33 32.99 38.39
N ILE A 300 -25.99 31.86 38.62
CA ILE A 300 -26.58 31.53 39.90
C ILE A 300 -26.22 30.14 40.35
N ARG A 301 -26.30 29.89 41.65
CA ARG A 301 -26.12 28.55 42.12
C ARG A 301 -27.48 27.93 42.21
N ILE A 302 -27.63 26.76 41.60
CA ILE A 302 -28.87 26.03 41.59
C ILE A 302 -28.74 24.78 42.42
N GLY A 303 -27.53 24.52 42.87
CA GLY A 303 -27.29 23.37 43.72
C GLY A 303 -25.94 23.44 44.40
N PRO A 304 -25.50 22.38 45.05
CA PRO A 304 -24.30 22.30 45.85
C PRO A 304 -23.05 22.34 45.00
N GLY A 305 -22.64 23.57 44.67
CA GLY A 305 -21.48 23.80 43.82
C GLY A 305 -21.85 23.79 42.35
N GLN A 306 -23.14 23.86 42.06
CA GLN A 306 -23.64 23.80 40.69
C GLN A 306 -24.11 25.14 40.18
N ALA A 307 -23.36 25.71 39.24
CA ALA A 307 -23.70 27.01 38.69
C ALA A 307 -24.29 26.94 37.29
N PHE A 308 -25.34 27.72 37.10
CA PHE A 308 -26.04 27.92 35.85
C PHE A 308 -25.67 29.25 35.26
N TYR A 309 -25.32 29.26 33.98
CA TYR A 309 -24.93 30.50 33.31
C TYR A 309 -25.99 30.97 32.35
N TYR A 310 -26.24 32.26 32.35
CA TYR A 310 -27.24 32.83 31.49
C TYR A 310 -26.96 34.25 31.08
N THR A 311 -27.62 34.71 30.02
CA THR A 311 -27.46 36.10 29.64
C THR A 311 -28.41 36.89 30.49
N GLY A 312 -27.86 37.87 31.17
CA GLY A 312 -28.61 38.73 32.06
C GLY A 312 -29.21 39.84 31.25
N ASP A 313 -28.36 40.47 30.47
CA ASP A 313 -28.80 41.56 29.65
C ASP A 313 -27.91 41.81 28.45
N ILE A 314 -28.37 42.72 27.59
CA ILE A 314 -27.62 43.15 26.42
C ILE A 314 -27.38 44.64 26.54
N ILE A 315 -26.15 45.02 26.31
CA ILE A 315 -25.72 46.40 26.39
C ILE A 315 -25.83 47.00 25.01
N GLY A 316 -26.62 48.04 24.89
CA GLY A 316 -26.83 48.67 23.60
C GLY A 316 -27.95 48.00 22.82
N ASP A 317 -28.01 48.35 21.55
CA ASP A 317 -29.06 47.93 20.61
C ASP A 317 -28.98 46.45 20.31
N ILE A 318 -30.11 45.89 19.92
CA ILE A 318 -30.16 44.48 19.54
C ILE A 318 -30.29 44.28 18.04
N ARG A 319 -29.30 43.59 17.48
CA ARG A 319 -29.16 43.37 16.06
C ARG A 319 -29.02 41.89 15.71
N GLN A 320 -29.35 41.55 14.46
CA GLN A 320 -29.28 40.16 14.04
C GLN A 320 -27.87 39.71 13.71
N ALA A 321 -27.55 38.48 14.12
CA ALA A 321 -26.29 37.82 13.81
C ALA A 321 -26.27 37.53 12.32
N HIS A 322 -25.11 37.55 11.72
CA HIS A 322 -25.01 37.32 10.30
C HIS A 322 -23.62 36.90 9.84
N CYS A 323 -23.51 36.34 8.60
CA CYS A 323 -22.25 35.98 7.95
C CYS A 323 -22.09 36.71 6.61
N ASN A 324 -20.87 37.10 6.30
CA ASN A 324 -20.53 37.80 5.07
C ASN A 324 -19.59 36.97 4.17
N VAL A 325 -20.02 36.76 2.90
CA VAL A 325 -19.29 36.05 1.86
C VAL A 325 -19.03 37.02 0.70
N SER A 326 -17.79 37.18 0.25
CA SER A 326 -17.54 38.13 -0.85
C SER A 326 -18.39 37.76 -2.05
N LYS A 327 -19.06 38.75 -2.63
CA LYS A 327 -19.95 38.43 -3.74
C LYS A 327 -19.21 37.94 -4.94
N ALA A 328 -18.09 38.60 -5.28
CA ALA A 328 -17.34 38.21 -6.45
C ALA A 328 -16.69 36.86 -6.28
N THR A 329 -16.17 36.58 -5.09
CA THR A 329 -15.49 35.32 -4.88
C THR A 329 -16.49 34.20 -4.99
N TRP A 330 -17.66 34.38 -4.39
CA TRP A 330 -18.67 33.37 -4.46
C TRP A 330 -19.14 33.09 -5.90
N ASN A 331 -19.33 34.14 -6.76
CA ASN A 331 -19.74 33.97 -8.16
C ASN A 331 -18.69 33.19 -8.98
N GLU A 332 -17.36 33.41 -8.71
CA GLU A 332 -16.26 32.69 -9.35
C GLU A 332 -16.29 31.22 -8.94
N THR A 333 -16.59 30.99 -7.67
CA THR A 333 -16.66 29.66 -7.12
C THR A 333 -17.77 28.88 -7.78
N LEU A 334 -18.95 29.48 -7.92
CA LEU A 334 -20.01 28.74 -8.55
C LEU A 334 -19.72 28.53 -10.01
N GLY A 335 -19.09 29.48 -10.69
CA GLY A 335 -18.82 29.24 -12.10
C GLY A 335 -17.96 27.98 -12.27
N LYS A 336 -16.97 27.81 -11.39
CA LYS A 336 -16.12 26.61 -11.44
C LYS A 336 -16.91 25.33 -11.15
N VAL A 337 -17.83 25.39 -10.19
CA VAL A 337 -18.64 24.22 -9.85
C VAL A 337 -19.51 23.83 -11.04
N VAL A 338 -20.10 24.81 -11.71
CA VAL A 338 -20.95 24.60 -12.86
C VAL A 338 -20.18 23.96 -14.01
N LYS A 339 -18.96 24.43 -14.27
CA LYS A 339 -18.16 23.83 -15.34
C LYS A 339 -17.93 22.35 -15.09
N GLN A 340 -17.72 21.97 -13.83
CA GLN A 340 -17.47 20.56 -13.54
C GLN A 340 -18.77 19.76 -13.52
N LEU A 341 -19.88 20.35 -13.11
CA LEU A 341 -21.15 19.63 -13.13
C LEU A 341 -21.52 19.24 -14.55
N ARG A 342 -21.19 20.10 -15.50
CA ARG A 342 -21.48 19.87 -16.91
C ARG A 342 -20.69 18.71 -17.52
N LYS A 343 -19.77 18.13 -16.78
CA LYS A 343 -19.05 16.98 -17.26
C LYS A 343 -19.80 15.69 -16.93
N HIS A 344 -20.83 15.79 -16.09
CA HIS A 344 -21.64 14.64 -15.68
C HIS A 344 -23.05 14.80 -16.20
N PHE A 345 -23.42 16.05 -16.42
CA PHE A 345 -24.71 16.46 -16.91
C PHE A 345 -24.44 16.95 -18.32
N GLY A 346 -25.44 17.42 -19.03
CA GLY A 346 -25.12 17.79 -20.41
C GLY A 346 -24.28 19.06 -20.45
N ASN A 347 -23.66 19.36 -21.62
CA ASN A 347 -22.86 20.57 -21.84
C ASN A 347 -23.76 21.78 -22.16
N ASN A 348 -24.72 21.61 -23.11
CA ASN A 348 -25.68 22.64 -23.53
C ASN A 348 -26.89 22.51 -22.62
N THR A 349 -26.65 22.80 -21.36
CA THR A 349 -27.64 22.63 -20.31
C THR A 349 -27.79 23.86 -19.45
N ILE A 350 -28.70 23.74 -18.50
CA ILE A 350 -28.96 24.77 -17.54
C ILE A 350 -28.77 24.24 -16.13
N ILE A 351 -27.93 24.92 -15.38
CA ILE A 351 -27.70 24.57 -14.00
C ILE A 351 -28.21 25.64 -13.06
N ARG A 352 -29.15 25.25 -12.24
CA ARG A 352 -29.77 26.16 -11.33
C ARG A 352 -29.49 25.83 -9.90
N PHE A 353 -29.16 26.86 -9.14
CA PHE A 353 -28.96 26.69 -7.72
C PHE A 353 -30.17 27.25 -7.03
N ALA A 354 -30.61 26.54 -6.02
CA ALA A 354 -31.78 26.93 -5.24
C ALA A 354 -31.58 26.61 -3.78
N GLN A 355 -32.37 27.27 -2.93
CA GLN A 355 -32.35 27.10 -1.49
C GLN A 355 -32.89 25.75 -1.05
N SER A 356 -32.51 25.30 0.15
CA SER A 356 -32.99 24.03 0.65
C SER A 356 -34.50 24.02 0.69
N SER A 357 -35.07 22.90 0.24
CA SER A 357 -36.50 22.70 0.10
C SER A 357 -37.35 22.52 1.35
N GLY A 358 -36.78 22.10 2.47
CA GLY A 358 -37.62 21.91 3.63
C GLY A 358 -36.93 21.15 4.75
N GLY A 359 -37.65 20.98 5.85
CA GLY A 359 -37.13 20.31 7.03
C GLY A 359 -36.95 21.33 8.14
N ASP A 360 -36.38 20.92 9.26
CA ASP A 360 -36.26 21.84 10.38
C ASP A 360 -35.04 22.74 10.23
N LEU A 361 -34.86 23.63 11.19
CA LEU A 361 -33.78 24.61 11.13
C LEU A 361 -32.42 23.94 11.05
N GLU A 362 -32.26 22.78 11.67
CA GLU A 362 -31.00 22.07 11.68
C GLU A 362 -30.54 21.56 10.31
N VAL A 363 -31.45 21.46 9.34
CA VAL A 363 -31.07 20.99 8.00
C VAL A 363 -31.33 21.98 6.88
N THR A 364 -32.08 23.05 7.13
CA THR A 364 -32.38 24.03 6.09
C THR A 364 -31.43 25.21 6.11
N THR A 365 -30.51 25.18 7.06
CA THR A 365 -29.55 26.25 7.26
C THR A 365 -28.14 25.74 7.36
N HIS A 366 -27.23 26.68 7.37
CA HIS A 366 -25.85 26.40 7.60
C HIS A 366 -25.58 26.48 9.07
N SER A 367 -25.39 25.33 9.67
CA SER A 367 -25.17 25.21 11.08
C SER A 367 -23.70 25.10 11.37
N PHE A 368 -23.22 25.89 12.32
CA PHE A 368 -21.83 25.85 12.76
C PHE A 368 -21.63 26.46 14.16
N ASN A 369 -20.51 26.12 14.77
CA ASN A 369 -20.09 26.67 16.05
C ASN A 369 -19.08 27.82 15.85
N CYS A 370 -19.46 29.08 16.18
CA CYS A 370 -18.68 30.30 16.01
C CYS A 370 -18.27 30.84 17.37
N GLY A 371 -17.06 30.54 17.79
CA GLY A 371 -16.61 31.05 19.06
C GLY A 371 -17.33 30.47 20.25
N GLY A 372 -17.92 29.28 20.12
CA GLY A 372 -18.69 28.67 21.19
C GLY A 372 -20.20 28.85 21.03
N GLU A 373 -20.66 29.75 20.16
CA GLU A 373 -22.10 29.91 19.99
C GLU A 373 -22.57 29.10 18.79
N PHE A 374 -23.81 28.67 18.81
CA PHE A 374 -24.33 27.89 17.70
C PHE A 374 -25.25 28.70 16.80
N PHE A 375 -24.76 28.91 15.56
CA PHE A 375 -25.38 29.68 14.49
C PHE A 375 -26.10 28.82 13.48
N TYR A 376 -27.23 29.32 13.02
CA TYR A 376 -28.08 28.72 11.99
C TYR A 376 -28.39 29.74 10.89
N CYS A 377 -27.50 29.81 9.85
CA CYS A 377 -27.49 30.86 8.83
C CYS A 377 -28.26 30.50 7.56
N ASN A 378 -29.00 31.46 7.08
CA ASN A 378 -29.80 31.29 5.87
C ASN A 378 -28.96 31.60 4.62
N THR A 379 -28.70 30.56 3.80
CA THR A 379 -27.83 30.52 2.62
C THR A 379 -28.56 30.72 1.31
N SER A 380 -29.81 31.15 1.36
CA SER A 380 -30.58 31.40 0.15
C SER A 380 -29.93 32.52 -0.66
N GLY A 381 -29.10 33.31 -0.02
CA GLY A 381 -28.38 34.39 -0.68
C GLY A 381 -27.16 33.87 -1.44
N LEU A 382 -26.78 32.62 -1.20
CA LEU A 382 -25.65 32.00 -1.87
C LEU A 382 -26.12 31.09 -3.00
N PHE A 383 -27.26 30.45 -2.80
CA PHE A 383 -27.76 29.48 -3.77
C PHE A 383 -29.07 29.90 -4.43
N ASN A 384 -29.01 31.02 -5.18
CA ASN A 384 -30.14 31.63 -5.89
C ASN A 384 -29.66 32.22 -7.22
N SER A 385 -29.40 31.34 -8.23
CA SER A 385 -28.88 31.74 -9.56
C SER A 385 -29.11 30.69 -10.63
N THR A 386 -29.17 31.12 -11.89
CA THR A 386 -29.28 30.16 -12.99
C THR A 386 -28.18 30.40 -14.01
N TRP A 387 -27.47 29.33 -14.34
CA TRP A 387 -26.38 29.35 -15.29
C TRP A 387 -26.81 28.67 -16.59
N ILE A 388 -26.96 29.45 -17.66
CA ILE A 388 -27.45 28.90 -18.92
C ILE A 388 -26.34 28.86 -19.96
N SER A 389 -25.99 27.65 -20.48
CA SER A 389 -24.92 27.39 -21.48
C SER A 389 -23.75 28.39 -21.44
N ASN A 402 -16.54 46.43 -3.81
CA ASN A 402 -16.17 45.35 -2.89
C ASN A 402 -17.41 44.89 -2.08
N ASP A 403 -18.42 44.38 -2.81
CA ASP A 403 -19.70 43.86 -2.32
C ASP A 403 -19.59 42.52 -1.61
N SER A 404 -20.54 42.27 -0.72
CA SER A 404 -20.64 41.02 -0.02
C SER A 404 -22.08 40.60 0.15
N ILE A 405 -22.27 39.33 0.37
CA ILE A 405 -23.55 38.73 0.58
C ILE A 405 -23.74 38.52 2.05
N THR A 406 -24.78 39.11 2.63
CA THR A 406 -25.04 38.96 4.05
C THR A 406 -26.10 37.90 4.26
N LEU A 407 -25.76 36.93 5.08
CA LEU A 407 -26.60 35.80 5.40
C LEU A 407 -27.13 35.95 6.83
N PRO A 408 -28.44 36.15 7.07
CA PRO A 408 -29.03 36.29 8.40
C PRO A 408 -28.81 35.00 9.17
N CYS A 409 -28.53 35.06 10.50
CA CYS A 409 -28.30 33.88 11.35
C CYS A 409 -29.12 33.91 12.63
N ARG A 410 -29.65 32.75 13.00
CA ARG A 410 -30.35 32.58 14.25
C ARG A 410 -29.40 31.94 15.24
N ILE A 411 -29.59 32.20 16.52
CA ILE A 411 -28.74 31.61 17.55
C ILE A 411 -29.57 30.75 18.48
N LYS A 412 -29.06 29.56 18.83
CA LYS A 412 -29.77 28.69 19.79
C LYS A 412 -28.88 28.30 20.94
N GLN A 413 -29.45 28.16 22.14
CA GLN A 413 -28.69 27.64 23.27
C GLN A 413 -28.99 26.19 23.54
N ILE A 414 -30.14 25.69 23.12
CA ILE A 414 -30.49 24.27 23.41
C ILE A 414 -30.34 23.47 22.12
N ILE A 415 -29.33 22.62 22.03
CA ILE A 415 -29.09 21.92 20.78
C ILE A 415 -29.03 20.42 20.96
N ASN A 416 -29.21 19.69 19.85
CA ASN A 416 -29.13 18.20 19.85
C ASN A 416 -27.92 17.61 19.12
N MET A 417 -27.04 18.40 18.53
CA MET A 417 -25.77 17.99 17.88
C MET A 417 -25.79 16.87 16.88
N TRP A 418 -26.05 15.70 17.36
CA TRP A 418 -26.02 14.53 16.53
C TRP A 418 -27.47 14.28 16.22
N GLN A 419 -27.79 13.55 15.19
CA GLN A 419 -29.21 13.35 14.93
C GLN A 419 -29.80 12.30 15.87
N ARG A 420 -30.05 12.75 17.10
CA ARG A 420 -30.52 11.96 18.21
C ARG A 420 -31.71 12.64 18.88
N ILE A 421 -32.48 11.86 19.61
CA ILE A 421 -33.67 12.35 20.31
C ILE A 421 -33.52 12.54 21.82
N GLY A 422 -32.81 11.62 22.48
CA GLY A 422 -32.77 11.56 23.94
C GLY A 422 -31.70 12.37 24.64
N GLN A 423 -31.00 13.22 23.91
CA GLN A 423 -29.95 14.03 24.52
C GLN A 423 -30.16 15.48 24.11
N ALA A 424 -29.79 16.38 24.99
CA ALA A 424 -29.85 17.81 24.67
C ALA A 424 -28.79 18.49 25.51
N MET A 425 -28.25 19.53 24.97
CA MET A 425 -27.22 20.27 25.64
C MET A 425 -27.54 21.74 25.71
N TYR A 426 -27.22 22.36 26.81
CA TYR A 426 -27.35 23.79 26.93
C TYR A 426 -25.98 24.41 26.74
N ALA A 427 -25.88 25.30 25.79
CA ALA A 427 -24.64 25.98 25.56
C ALA A 427 -24.71 27.28 26.34
N PRO A 428 -23.89 27.49 27.38
CA PRO A 428 -23.97 28.66 28.19
C PRO A 428 -23.54 29.76 27.28
N PRO A 429 -24.01 30.99 27.47
CA PRO A 429 -23.67 32.15 26.69
C PRO A 429 -22.29 32.62 26.94
N ILE A 430 -21.74 33.26 25.95
CA ILE A 430 -20.43 33.85 26.03
C ILE A 430 -20.46 35.36 26.14
N GLN A 431 -19.74 35.82 27.15
CA GLN A 431 -19.59 37.22 27.49
C GLN A 431 -18.98 38.03 26.36
N GLY A 432 -19.58 39.17 26.07
CA GLY A 432 -19.03 40.03 25.02
C GLY A 432 -19.66 39.90 23.65
N VAL A 433 -18.85 40.22 22.63
CA VAL A 433 -19.26 40.29 21.23
C VAL A 433 -18.47 39.23 20.47
N ILE A 434 -19.13 38.45 19.61
CA ILE A 434 -18.43 37.38 18.89
C ILE A 434 -18.22 37.55 17.42
N ARG A 435 -16.98 37.30 17.01
CA ARG A 435 -16.59 37.32 15.62
C ARG A 435 -15.68 36.10 15.36
N CYS A 436 -15.87 35.41 14.20
CA CYS A 436 -15.03 34.29 13.75
C CYS A 436 -14.88 34.36 12.24
N VAL A 437 -13.72 33.92 11.76
CA VAL A 437 -13.43 33.86 10.33
C VAL A 437 -13.04 32.46 9.92
N SER A 438 -13.68 31.95 8.88
CA SER A 438 -13.40 30.60 8.41
C SER A 438 -13.39 30.49 6.90
N ASN A 439 -12.81 29.39 6.36
CA ASN A 439 -12.72 29.09 4.94
C ASN A 439 -13.78 28.06 4.52
N ILE A 440 -14.51 28.33 3.41
CA ILE A 440 -15.44 27.36 2.79
C ILE A 440 -14.54 26.58 1.85
N THR A 441 -14.41 25.28 2.09
CA THR A 441 -13.50 24.42 1.33
C THR A 441 -14.24 23.35 0.56
N GLY A 442 -15.56 23.43 0.58
CA GLY A 442 -16.40 22.48 -0.11
C GLY A 442 -17.85 22.68 0.21
N LEU A 443 -18.69 22.13 -0.64
CA LEU A 443 -20.14 22.24 -0.53
C LEU A 443 -20.80 20.87 -0.47
N ILE A 444 -21.95 20.75 0.20
CA ILE A 444 -22.70 19.52 0.04
C ILE A 444 -24.01 19.84 -0.66
N LEU A 445 -24.19 19.27 -1.84
CA LEU A 445 -25.37 19.51 -2.68
C LEU A 445 -26.20 18.29 -2.96
N THR A 446 -27.48 18.48 -3.20
CA THR A 446 -28.32 17.39 -3.63
C THR A 446 -28.91 17.84 -4.94
N ARG A 447 -29.42 16.91 -5.73
CA ARG A 447 -30.03 17.29 -7.00
C ARG A 447 -31.49 16.86 -6.96
N ASP A 448 -32.40 17.66 -7.57
CA ASP A 448 -33.84 17.36 -7.69
C ASP A 448 -34.02 16.11 -8.56
N THR A 455 -35.28 19.98 -20.11
CA THR A 455 -34.00 19.96 -19.43
C THR A 455 -34.09 20.87 -18.18
N THR A 456 -32.90 21.22 -17.61
CA THR A 456 -32.59 22.05 -16.42
C THR A 456 -32.45 21.21 -15.16
N GLU A 457 -31.24 21.19 -14.63
CA GLU A 457 -30.96 20.47 -13.40
C GLU A 457 -30.94 21.48 -12.28
N THR A 458 -31.50 21.11 -11.12
CA THR A 458 -31.50 22.00 -9.97
C THR A 458 -30.79 21.36 -8.80
N PHE A 459 -29.88 22.13 -8.23
CA PHE A 459 -29.06 21.72 -7.10
C PHE A 459 -29.39 22.56 -5.88
N ARG A 460 -29.47 21.90 -4.73
CA ARG A 460 -29.80 22.57 -3.49
C ARG A 460 -28.81 22.12 -2.42
N PRO A 461 -28.53 22.92 -1.41
CA PRO A 461 -27.73 22.53 -0.28
C PRO A 461 -28.29 21.36 0.50
N GLY A 462 -27.41 20.49 0.98
CA GLY A 462 -27.74 19.33 1.82
C GLY A 462 -26.79 19.31 3.03
N GLY A 463 -26.26 18.14 3.40
CA GLY A 463 -25.29 18.08 4.51
C GLY A 463 -25.76 17.76 5.93
N GLY A 464 -27.00 17.35 6.13
CA GLY A 464 -27.45 17.06 7.51
C GLY A 464 -26.69 15.92 8.24
N ASP A 465 -26.19 14.90 7.50
CA ASP A 465 -25.46 13.75 8.06
C ASP A 465 -23.95 13.99 8.13
N MET A 466 -23.40 14.03 9.34
CA MET A 466 -22.01 14.39 9.58
C MET A 466 -21.03 13.42 8.97
N ARG A 467 -21.46 12.21 8.66
CA ARG A 467 -20.51 11.29 8.05
C ARG A 467 -19.98 11.84 6.74
N ASP A 468 -20.73 12.69 6.04
CA ASP A 468 -20.27 13.28 4.79
C ASP A 468 -19.13 14.25 5.02
N ASN A 469 -19.05 14.84 6.20
CA ASN A 469 -18.01 15.79 6.44
C ASN A 469 -16.71 15.07 6.59
N TRP A 470 -16.79 13.88 7.14
CA TRP A 470 -15.61 13.10 7.39
C TRP A 470 -15.18 12.34 6.16
N ARG A 471 -16.12 11.99 5.29
CA ARG A 471 -15.76 11.34 4.03
C ARG A 471 -14.88 12.27 3.22
N SER A 472 -15.15 13.56 3.30
CA SER A 472 -14.40 14.56 2.57
C SER A 472 -12.91 14.64 2.94
N GLU A 473 -12.52 14.13 4.10
CA GLU A 473 -11.10 14.15 4.48
C GLU A 473 -10.49 12.75 4.38
N LEU A 474 -11.28 11.73 4.65
CA LEU A 474 -10.83 10.35 4.66
C LEU A 474 -10.89 9.63 3.33
N TYR A 475 -11.43 10.25 2.30
CA TYR A 475 -11.58 9.61 0.99
C TYR A 475 -10.29 9.10 0.36
N LYS A 476 -9.15 9.66 0.73
CA LYS A 476 -7.89 9.26 0.14
C LYS A 476 -7.20 8.13 0.89
N TYR A 477 -7.76 7.69 2.00
CA TYR A 477 -7.09 6.64 2.77
C TYR A 477 -7.81 5.31 2.71
N LYS A 478 -7.03 4.23 2.75
CA LYS A 478 -7.57 2.87 2.79
C LYS A 478 -6.85 2.01 3.82
N VAL A 479 -7.55 1.14 4.51
CA VAL A 479 -6.86 0.23 5.44
C VAL A 479 -6.78 -1.18 4.89
N VAL A 480 -5.57 -1.73 4.92
CA VAL A 480 -5.35 -3.08 4.45
C VAL A 480 -4.62 -3.89 5.50
N LYS A 481 -4.75 -5.21 5.43
CA LYS A 481 -4.09 -6.15 6.32
C LYS A 481 -2.93 -6.75 5.59
N ILE A 482 -1.83 -6.92 6.29
CA ILE A 482 -0.64 -7.49 5.67
C ILE A 482 -0.68 -9.00 5.78
N GLU A 483 -0.40 -9.65 4.67
CA GLU A 483 -0.42 -11.09 4.56
C GLU A 483 0.96 -11.59 4.12
N PRO A 484 1.93 -11.71 5.05
CA PRO A 484 3.33 -11.96 4.82
C PRO A 484 3.73 -13.36 4.40
N LEU A 485 2.81 -14.31 4.48
CA LEU A 485 3.19 -15.67 4.16
C LEU A 485 2.70 -16.06 2.78
N GLY A 486 3.57 -16.69 1.99
CA GLY A 486 3.15 -17.15 0.68
C GLY A 486 4.08 -18.17 0.09
N VAL A 487 3.68 -18.76 -1.03
CA VAL A 487 4.46 -19.80 -1.69
C VAL A 487 4.63 -19.52 -3.16
N ALA A 488 5.67 -20.10 -3.77
CA ALA A 488 5.93 -19.99 -5.20
C ALA A 488 6.87 -21.12 -5.64
N PRO A 489 6.85 -21.60 -6.90
CA PRO A 489 7.75 -22.60 -7.42
C PRO A 489 9.17 -22.14 -7.63
N THR A 490 10.12 -22.97 -7.26
CA THR A 490 11.54 -22.73 -7.50
C THR A 490 12.20 -24.04 -7.89
N ARG A 491 13.47 -24.00 -8.24
CA ARG A 491 14.24 -25.22 -8.53
C ARG A 491 14.93 -25.86 -7.31
N CYS A 492 14.69 -25.32 -6.09
CA CYS A 492 15.27 -25.70 -4.80
C CYS A 492 14.44 -26.76 -4.10
N LYS A 493 15.07 -27.86 -3.72
CA LYS A 493 14.31 -28.86 -2.97
C LYS A 493 15.05 -29.19 -1.69
N ARG A 494 14.31 -29.58 -0.65
CA ARG A 494 14.84 -29.98 0.65
C ARG A 494 15.58 -31.32 0.52
N LEU B 9 13.18 1.49 0.00
CA LEU B 9 13.85 0.58 0.93
C LEU B 9 13.09 0.34 2.27
N GLY B 10 11.92 0.98 2.46
CA GLY B 10 11.08 0.86 3.66
C GLY B 10 10.00 -0.20 3.50
N PHE B 11 9.13 -0.25 4.48
CA PHE B 11 8.03 -1.20 4.51
C PHE B 11 7.13 -1.10 3.31
N LEU B 12 6.96 -2.23 2.62
CA LEU B 12 6.17 -2.42 1.41
C LEU B 12 6.71 -1.63 0.23
N GLY B 13 7.93 -1.13 0.30
CA GLY B 13 8.52 -0.38 -0.80
C GLY B 13 8.66 -1.22 -2.05
N ALA B 14 8.86 -2.52 -1.84
CA ALA B 14 9.04 -3.49 -2.90
C ALA B 14 7.72 -4.05 -3.40
N ALA B 15 6.60 -3.58 -2.90
CA ALA B 15 5.32 -4.14 -3.30
C ALA B 15 5.10 -4.08 -4.80
N GLY B 16 5.60 -3.05 -5.48
CA GLY B 16 5.41 -2.97 -6.92
C GLY B 16 6.56 -3.60 -7.74
N SER B 17 7.55 -4.17 -7.07
CA SER B 17 8.72 -4.74 -7.73
C SER B 17 8.42 -6.19 -8.04
N THR B 18 9.29 -6.85 -8.80
CA THR B 18 9.15 -8.26 -9.26
C THR B 18 9.42 -9.17 -8.09
N MET B 19 8.83 -10.36 -8.10
CA MET B 19 9.00 -11.32 -7.02
C MET B 19 10.45 -11.61 -6.68
N GLY B 20 11.32 -11.66 -7.67
CA GLY B 20 12.73 -11.95 -7.42
C GLY B 20 13.48 -10.79 -6.79
N ALA B 21 12.88 -9.60 -6.77
CA ALA B 21 13.51 -8.43 -6.18
C ALA B 21 12.96 -8.22 -4.77
N ALA B 22 11.65 -8.43 -4.66
CA ALA B 22 10.89 -8.28 -3.44
C ALA B 22 11.28 -9.32 -2.42
N SER B 23 11.75 -10.47 -2.87
CA SER B 23 12.17 -11.56 -2.00
C SER B 23 13.41 -11.19 -1.21
N MET B 24 14.09 -10.10 -1.57
CA MET B 24 15.27 -9.67 -0.84
C MET B 24 14.94 -8.71 0.30
N THR B 25 13.66 -8.39 0.52
CA THR B 25 13.25 -7.44 1.54
C THR B 25 12.39 -8.11 2.61
N LEU B 26 12.50 -9.41 2.75
CA LEU B 26 11.62 -10.13 3.66
C LEU B 26 11.75 -9.69 5.12
N THR B 27 12.92 -9.23 5.56
CA THR B 27 13.07 -8.79 6.93
C THR B 27 12.46 -7.43 7.17
N VAL B 28 12.21 -6.69 6.10
CA VAL B 28 11.64 -5.36 6.20
C VAL B 28 10.21 -5.52 6.61
N GLN B 29 9.52 -6.45 5.96
CA GLN B 29 8.14 -6.67 6.33
C GLN B 29 8.00 -7.49 7.60
N ALA B 30 8.86 -8.48 7.82
CA ALA B 30 8.71 -9.30 9.01
C ALA B 30 8.79 -8.46 10.29
N ARG B 31 9.64 -7.45 10.31
CA ARG B 31 9.82 -6.64 11.50
C ARG B 31 8.70 -5.65 11.76
N ASN B 32 7.77 -5.50 10.82
CA ASN B 32 6.67 -4.58 10.99
C ASN B 32 5.37 -5.32 11.32
N LEU B 33 5.48 -6.59 11.67
CA LEU B 33 4.32 -7.36 12.05
C LEU B 33 4.06 -7.24 13.54
N LEU B 34 5.10 -6.95 14.32
CA LEU B 34 5.00 -6.80 15.75
C LEU B 34 5.28 -5.35 16.13
N SER B 35 4.32 -4.69 16.83
CA SER B 35 4.36 -3.27 17.27
C SER B 35 5.09 -2.34 16.28
N HIS B 59 -16.08 0.69 27.19
CA HIS B 59 -15.00 1.37 27.89
C HIS B 59 -13.89 1.72 26.87
N TRP B 60 -13.35 2.96 26.94
CA TRP B 60 -12.31 3.46 26.03
C TRP B 60 -11.00 2.77 26.36
N GLY B 61 -10.30 2.33 25.32
CA GLY B 61 -9.03 1.65 25.50
C GLY B 61 -9.17 0.12 25.41
N ILE B 62 -10.41 -0.38 25.45
CA ILE B 62 -10.59 -1.82 25.38
C ILE B 62 -10.46 -2.28 23.96
N LYS B 63 -11.03 -1.53 23.03
CA LYS B 63 -10.92 -1.93 21.65
C LYS B 63 -9.45 -1.88 21.19
N GLN B 64 -8.64 -1.04 21.83
CA GLN B 64 -7.22 -1.01 21.49
C GLN B 64 -6.56 -2.29 22.04
N LEU B 65 -6.93 -2.75 23.23
CA LEU B 65 -6.38 -4.02 23.69
C LEU B 65 -6.83 -5.15 22.81
N GLN B 66 -8.06 -5.10 22.32
CA GLN B 66 -8.51 -6.19 21.47
C GLN B 66 -7.68 -6.21 20.20
N ALA B 67 -7.37 -5.04 19.65
CA ALA B 67 -6.55 -4.99 18.44
C ALA B 67 -5.15 -5.55 18.67
N ARG B 68 -4.57 -5.28 19.84
CA ARG B 68 -3.23 -5.76 20.15
C ARG B 68 -3.20 -7.25 20.41
N VAL B 69 -4.20 -7.76 21.10
CA VAL B 69 -4.26 -9.18 21.38
C VAL B 69 -4.47 -9.91 20.09
N LEU B 70 -5.33 -9.39 19.23
CA LEU B 70 -5.60 -10.01 17.95
C LEU B 70 -4.36 -10.02 17.07
N ALA B 71 -3.59 -8.93 17.06
CA ALA B 71 -2.38 -8.89 16.25
C ALA B 71 -1.41 -9.98 16.68
N VAL B 72 -1.30 -10.21 17.99
CA VAL B 72 -0.43 -11.25 18.50
C VAL B 72 -0.93 -12.61 18.10
N GLU B 73 -2.23 -12.85 18.22
CA GLU B 73 -2.77 -14.15 17.85
C GLU B 73 -2.57 -14.43 16.37
N HIS B 74 -2.71 -13.41 15.51
CA HIS B 74 -2.52 -13.61 14.09
C HIS B 74 -1.07 -14.01 13.85
N TYR B 75 -0.13 -13.28 14.45
CA TYR B 75 1.29 -13.55 14.30
C TYR B 75 1.62 -14.96 14.69
N LEU B 76 1.12 -15.41 15.84
CA LEU B 76 1.43 -16.73 16.31
C LEU B 76 0.85 -17.81 15.43
N ARG B 77 -0.29 -17.59 14.80
CA ARG B 77 -0.83 -18.62 13.93
C ARG B 77 0.06 -18.81 12.72
N ASP B 78 0.61 -17.73 12.16
CA ASP B 78 1.49 -17.89 11.00
C ASP B 78 2.79 -18.56 11.39
N GLN B 79 3.27 -18.27 12.61
CA GLN B 79 4.49 -18.89 13.05
C GLN B 79 4.28 -20.36 13.35
N GLN B 80 3.10 -20.72 13.89
CA GLN B 80 2.79 -22.10 14.16
C GLN B 80 2.74 -22.89 12.90
N LEU B 81 2.17 -22.29 11.87
CA LEU B 81 2.01 -22.94 10.60
C LEU B 81 3.36 -23.20 9.97
N LEU B 82 4.28 -22.25 10.05
CA LEU B 82 5.61 -22.50 9.52
C LEU B 82 6.26 -23.64 10.27
N GLY B 83 6.07 -23.71 11.58
CA GLY B 83 6.64 -24.80 12.36
C GLY B 83 6.10 -26.16 11.93
N ILE B 84 4.80 -26.23 11.69
CA ILE B 84 4.13 -27.46 11.26
C ILE B 84 4.69 -27.96 9.94
N TRP B 85 5.04 -27.05 9.06
CA TRP B 85 5.61 -27.37 7.75
C TRP B 85 7.12 -27.61 7.79
N GLY B 86 7.76 -27.45 8.96
CA GLY B 86 9.21 -27.59 9.11
C GLY B 86 10.07 -26.40 8.69
N CYS B 87 9.50 -25.16 8.70
CA CYS B 87 10.11 -23.90 8.27
C CYS B 87 10.32 -22.96 9.45
N SER B 88 10.35 -23.49 10.65
CA SER B 88 10.52 -22.64 11.81
C SER B 88 11.86 -21.94 11.80
N GLY B 89 11.85 -20.66 12.10
CA GLY B 89 13.09 -19.90 12.22
C GLY B 89 13.70 -19.37 10.92
N LYS B 90 13.02 -19.49 9.79
CA LYS B 90 13.60 -19.02 8.53
C LYS B 90 12.63 -18.25 7.65
N LEU B 91 13.14 -17.38 6.77
CA LEU B 91 12.28 -16.60 5.90
C LEU B 91 12.14 -17.25 4.55
N ILE B 92 13.17 -17.98 4.11
CA ILE B 92 13.09 -18.74 2.86
C ILE B 92 13.23 -20.22 3.23
N CYS B 93 12.24 -21.08 2.89
CA CYS B 93 12.21 -22.51 3.23
C CYS B 93 11.87 -23.40 2.03
N CYS B 94 12.79 -24.29 1.72
CA CYS B 94 12.60 -25.22 0.62
C CYS B 94 11.96 -26.47 1.21
N THR B 95 11.09 -27.10 0.43
CA THR B 95 10.35 -28.26 0.87
C THR B 95 10.49 -29.41 -0.10
N ASN B 96 9.86 -30.53 0.22
CA ASN B 96 9.82 -31.71 -0.65
C ASN B 96 8.49 -31.89 -1.38
N VAL B 97 7.73 -30.82 -1.42
CA VAL B 97 6.41 -30.79 -2.09
C VAL B 97 6.64 -30.34 -3.54
N PRO B 98 6.38 -31.16 -4.60
CA PRO B 98 6.57 -30.74 -5.98
C PRO B 98 5.50 -29.76 -6.36
N TRP B 99 5.76 -28.91 -7.36
CA TRP B 99 4.71 -28.01 -7.90
C TRP B 99 3.83 -28.77 -8.90
N ASN B 100 2.51 -28.72 -8.77
CA ASN B 100 1.51 -29.14 -9.77
C ASN B 100 1.32 -27.99 -10.72
N SER B 101 1.46 -28.24 -12.02
CA SER B 101 1.27 -27.15 -13.01
C SER B 101 -0.22 -26.85 -13.19
N SER B 102 -1.11 -27.59 -12.53
CA SER B 102 -2.56 -27.32 -12.47
C SER B 102 -2.83 -26.12 -11.57
N TRP B 103 -1.87 -25.78 -10.75
CA TRP B 103 -1.85 -24.67 -9.78
C TRP B 103 -1.40 -23.44 -10.52
N SER B 104 -0.36 -23.59 -11.33
CA SER B 104 0.15 -22.56 -12.23
C SER B 104 1.10 -23.18 -13.20
N ASN B 105 0.91 -22.92 -14.48
CA ASN B 105 1.79 -23.46 -15.50
C ASN B 105 2.74 -22.45 -16.08
N ARG B 106 2.97 -21.36 -15.36
CA ARG B 106 3.92 -20.35 -15.80
C ARG B 106 5.33 -20.84 -15.48
N ASN B 107 6.36 -20.44 -16.28
CA ASN B 107 7.76 -20.78 -16.01
C ASN B 107 8.39 -19.76 -15.05
N LEU B 108 9.68 -19.96 -14.69
CA LEU B 108 10.41 -19.12 -13.73
C LEU B 108 10.63 -17.70 -14.20
N SER B 109 10.74 -17.47 -15.48
CA SER B 109 10.97 -16.09 -15.93
C SER B 109 9.66 -15.33 -15.86
N GLU B 110 8.54 -16.01 -16.10
CA GLU B 110 7.23 -15.38 -15.95
C GLU B 110 6.91 -15.04 -14.51
N ILE B 111 7.32 -15.90 -13.59
CA ILE B 111 7.01 -15.71 -12.19
C ILE B 111 8.00 -14.84 -11.44
N TRP B 112 9.28 -14.87 -11.71
CA TRP B 112 10.21 -14.22 -10.76
C TRP B 112 10.74 -12.92 -11.33
N ASP B 113 10.68 -12.81 -12.65
CA ASP B 113 11.11 -11.64 -13.42
C ASP B 113 9.92 -10.81 -13.94
N ASN B 114 8.66 -11.25 -13.77
CA ASN B 114 7.42 -10.43 -13.86
C ASN B 114 6.51 -10.57 -12.62
N MET B 115 5.24 -11.00 -12.78
CA MET B 115 4.20 -11.18 -11.74
C MET B 115 4.78 -10.80 -10.37
N THR B 116 4.77 -9.52 -9.90
CA THR B 116 4.90 -9.07 -8.51
C THR B 116 4.22 -10.05 -7.56
N TRP B 117 4.45 -9.94 -6.25
CA TRP B 117 3.79 -10.85 -5.31
C TRP B 117 2.30 -10.61 -5.19
N LEU B 118 1.82 -9.39 -5.41
CA LEU B 118 0.39 -9.11 -5.35
C LEU B 118 -0.31 -9.82 -6.49
N GLN B 119 0.31 -9.83 -7.68
CA GLN B 119 -0.27 -10.49 -8.83
C GLN B 119 -0.27 -11.99 -8.68
N TRP B 120 0.82 -12.53 -8.15
CA TRP B 120 0.95 -13.95 -7.92
C TRP B 120 -0.07 -14.42 -6.90
N ASP B 121 -0.23 -13.66 -5.82
CA ASP B 121 -1.17 -14.07 -4.82
C ASP B 121 -2.55 -14.20 -5.40
N LYS B 122 -2.98 -13.31 -6.29
CA LYS B 122 -4.34 -13.39 -6.90
C LYS B 122 -4.52 -14.66 -7.72
N GLU B 123 -3.51 -14.99 -8.51
CA GLU B 123 -3.49 -16.08 -9.50
C GLU B 123 -3.56 -17.43 -8.79
N ILE B 124 -2.83 -17.63 -7.70
CA ILE B 124 -2.98 -18.94 -7.07
C ILE B 124 -3.81 -18.93 -5.81
N SER B 125 -4.58 -17.91 -5.48
CA SER B 125 -5.37 -17.89 -4.23
C SER B 125 -6.25 -19.13 -4.03
N ASN B 126 -6.73 -19.72 -5.13
CA ASN B 126 -7.68 -20.86 -5.15
C ASN B 126 -7.03 -22.16 -4.73
N TYR B 127 -5.71 -22.18 -4.53
CA TYR B 127 -4.90 -23.43 -4.42
C TYR B 127 -4.12 -23.42 -3.13
N THR B 128 -4.15 -22.36 -2.31
CA THR B 128 -3.28 -22.25 -1.16
C THR B 128 -3.65 -23.24 -0.08
N GLN B 129 -4.91 -23.64 0.00
CA GLN B 129 -5.27 -24.60 1.02
C GLN B 129 -4.81 -25.99 0.64
N ILE B 130 -4.94 -26.36 -0.62
CA ILE B 130 -4.36 -27.63 -1.16
C ILE B 130 -2.86 -27.68 -0.91
N ILE B 131 -2.13 -26.63 -1.25
CA ILE B 131 -0.66 -26.56 -1.04
C ILE B 131 -0.35 -26.66 0.45
N TYR B 132 -1.04 -25.93 1.34
CA TYR B 132 -0.77 -25.98 2.76
C TYR B 132 -1.00 -27.37 3.30
N GLY B 133 -2.05 -28.05 2.86
CA GLY B 133 -2.30 -29.40 3.32
C GLY B 133 -1.17 -30.33 2.93
N LEU B 134 -0.71 -30.25 1.70
CA LEU B 134 0.41 -31.07 1.18
C LEU B 134 1.73 -30.74 1.92
N LEU B 135 1.98 -29.51 2.39
CA LEU B 135 3.19 -29.19 3.15
C LEU B 135 3.15 -29.84 4.52
N GLU B 136 1.99 -29.86 5.15
CA GLU B 136 1.81 -30.53 6.43
C GLU B 136 2.00 -32.04 6.31
N GLU B 137 1.41 -32.65 5.29
CA GLU B 137 1.54 -34.09 5.12
C GLU B 137 2.96 -34.50 4.91
N SER B 138 3.71 -33.71 4.16
CA SER B 138 5.09 -34.03 3.92
C SER B 138 5.91 -33.97 5.20
N GLN B 139 5.73 -32.92 6.02
CA GLN B 139 6.51 -32.81 7.24
C GLN B 139 6.23 -33.93 8.20
N ASN B 140 5.00 -34.42 8.22
CA ASN B 140 4.65 -35.51 9.09
C ASN B 140 5.34 -36.80 8.70
N GLN B 141 5.71 -36.97 7.43
CA GLN B 141 6.37 -38.18 7.01
C GLN B 141 7.85 -38.02 7.28
N GLN B 142 8.34 -36.79 7.14
CA GLN B 142 9.73 -36.54 7.38
C GLN B 142 10.10 -36.74 8.84
N GLU B 143 9.28 -36.24 9.78
CA GLU B 143 9.67 -36.40 11.18
C GLU B 143 9.66 -37.84 11.60
N LYS B 144 8.83 -38.69 11.03
CA LYS B 144 8.75 -40.13 11.45
C LYS B 144 9.88 -40.93 10.84
N ASN B 145 10.42 -40.52 9.70
CA ASN B 145 11.46 -41.24 8.95
C ASN B 145 12.78 -40.93 9.61
N GLU B 146 12.90 -39.80 10.25
CA GLU B 146 14.10 -39.31 10.95
C GLU B 146 14.25 -39.83 12.35
N GLN B 147 13.16 -40.18 13.02
CA GLN B 147 13.16 -40.77 14.36
C GLN B 147 13.53 -42.22 14.27
N ASP B 148 13.23 -42.89 13.18
CA ASP B 148 13.48 -44.31 12.93
C ASP B 148 14.88 -44.49 12.38
N LEU B 149 15.53 -43.44 11.98
CA LEU B 149 16.92 -43.51 11.52
C LEU B 149 17.82 -43.16 12.68
N LEU B 150 17.28 -42.57 13.72
CA LEU B 150 18.00 -42.28 14.96
C LEU B 150 17.79 -43.44 15.89
N ALA B 151 17.05 -44.44 15.47
CA ALA B 151 16.84 -45.72 16.18
C ALA B 151 17.60 -46.85 15.49
N GLU C 1 26.52 -8.27 -28.94
CA GLU C 1 27.51 -9.34 -28.95
C GLU C 1 28.19 -9.42 -27.57
N VAL C 2 28.26 -10.65 -27.02
CA VAL C 2 28.93 -10.98 -25.75
C VAL C 2 30.39 -11.25 -25.96
N GLN C 3 31.21 -10.57 -25.19
CA GLN C 3 32.62 -10.76 -25.28
C GLN C 3 33.24 -10.97 -23.92
N LEU C 4 34.12 -11.94 -23.86
CA LEU C 4 34.87 -12.24 -22.67
C LEU C 4 36.32 -12.15 -23.05
N VAL C 5 37.06 -11.28 -22.42
CA VAL C 5 38.45 -11.13 -22.82
C VAL C 5 39.43 -11.40 -21.72
N GLU C 6 40.23 -12.44 -21.88
CA GLU C 6 41.23 -12.74 -20.89
C GLU C 6 42.39 -11.80 -21.06
N THR C 7 42.86 -11.27 -19.95
CA THR C 7 43.98 -10.35 -19.89
C THR C 7 44.92 -10.81 -18.79
N GLY C 8 45.20 -12.11 -18.77
CA GLY C 8 46.01 -12.72 -17.73
C GLY C 8 47.48 -12.79 -18.06
N GLY C 9 48.20 -13.67 -17.38
CA GLY C 9 49.63 -13.77 -17.53
C GLY C 9 50.08 -14.79 -18.57
N GLY C 10 51.40 -15.03 -18.55
CA GLY C 10 52.11 -15.94 -19.45
C GLY C 10 53.01 -16.92 -18.70
N LEU C 11 54.32 -16.76 -18.88
CA LEU C 11 55.32 -17.64 -18.28
C LEU C 11 55.67 -17.35 -16.84
N VAL C 12 55.58 -18.40 -16.04
CA VAL C 12 55.86 -18.43 -14.62
C VAL C 12 56.71 -19.66 -14.25
N GLN C 13 57.53 -19.52 -13.22
CA GLN C 13 58.36 -20.63 -12.78
C GLN C 13 57.51 -21.61 -11.96
N PRO C 14 57.84 -22.90 -11.91
CA PRO C 14 57.19 -23.89 -11.08
C PRO C 14 57.25 -23.46 -9.64
N GLY C 15 56.15 -23.62 -8.97
CA GLY C 15 56.05 -23.27 -7.56
C GLY C 15 55.73 -21.81 -7.32
N GLY C 16 55.54 -21.04 -8.38
CA GLY C 16 55.25 -19.62 -8.27
C GLY C 16 53.75 -19.35 -8.25
N SER C 17 53.36 -18.18 -8.73
CA SER C 17 51.96 -17.83 -8.74
C SER C 17 51.67 -16.96 -9.94
N LEU C 18 50.43 -17.02 -10.40
CA LEU C 18 50.02 -16.22 -11.54
C LEU C 18 48.54 -15.90 -11.44
N LYS C 19 48.17 -14.66 -11.70
CA LYS C 19 46.77 -14.32 -11.65
C LYS C 19 46.21 -14.02 -13.02
N LEU C 20 45.05 -14.60 -13.30
CA LEU C 20 44.33 -14.34 -14.53
C LEU C 20 43.18 -13.45 -14.23
N SER C 21 42.78 -12.70 -15.20
CA SER C 21 41.57 -11.92 -15.09
C SER C 21 40.93 -11.90 -16.45
N CYS C 22 39.60 -11.67 -16.48
CA CYS C 22 38.73 -11.64 -17.65
C CYS C 22 37.72 -10.51 -17.55
N ARG C 23 37.69 -9.67 -18.57
CA ARG C 23 36.76 -8.57 -18.60
C ARG C 23 35.54 -8.94 -19.41
N ALA C 24 34.37 -8.66 -18.88
CA ALA C 24 33.16 -9.01 -19.59
C ALA C 24 32.37 -7.82 -20.08
N SER C 25 31.75 -7.99 -21.25
CA SER C 25 30.84 -6.98 -21.79
C SER C 25 29.76 -7.60 -22.68
N GLY C 26 28.68 -6.83 -22.91
CA GLY C 26 27.59 -7.23 -23.81
C GLY C 26 26.41 -7.96 -23.14
N TYR C 27 26.48 -8.15 -21.84
CA TYR C 27 25.43 -8.83 -21.10
C TYR C 27 25.45 -8.38 -19.67
N THR C 28 24.41 -8.71 -18.91
CA THR C 28 24.46 -8.35 -17.52
C THR C 28 25.37 -9.35 -16.83
N PHE C 29 26.51 -8.89 -16.38
CA PHE C 29 27.53 -9.73 -15.78
C PHE C 29 26.99 -10.46 -14.58
N SER C 30 26.33 -9.70 -13.74
CA SER C 30 25.77 -10.14 -12.48
C SER C 30 24.65 -11.15 -12.59
N SER C 31 24.13 -11.41 -13.79
CA SER C 31 23.05 -12.37 -13.92
C SER C 31 23.56 -13.80 -14.16
N PHE C 32 24.86 -13.95 -14.39
CA PHE C 32 25.40 -15.27 -14.74
C PHE C 32 26.51 -15.78 -13.89
N ALA C 33 26.50 -17.09 -13.67
CA ALA C 33 27.60 -17.80 -13.05
C ALA C 33 28.69 -17.91 -14.08
N MET C 34 29.93 -18.03 -13.63
CA MET C 34 31.05 -18.16 -14.56
C MET C 34 32.03 -19.21 -14.13
N SER C 35 32.83 -19.66 -15.06
CA SER C 35 33.80 -20.69 -14.78
C SER C 35 35.08 -20.58 -15.59
N TRP C 36 36.08 -21.33 -15.14
CA TRP C 36 37.31 -21.44 -15.89
C TRP C 36 37.42 -22.88 -16.37
N VAL C 37 37.75 -23.01 -17.65
CA VAL C 37 37.96 -24.29 -18.32
C VAL C 37 39.36 -24.30 -18.89
N ARG C 38 40.09 -25.35 -18.63
CA ARG C 38 41.46 -25.45 -19.03
C ARG C 38 41.72 -26.42 -20.18
N GLN C 39 42.65 -26.06 -21.07
CA GLN C 39 43.04 -26.99 -22.13
C GLN C 39 44.54 -27.15 -22.28
N ALA C 40 45.08 -28.31 -21.91
CA ALA C 40 46.52 -28.50 -22.00
C ALA C 40 46.84 -28.45 -23.48
N PRO C 41 48.05 -28.08 -23.92
CA PRO C 41 48.42 -27.95 -25.32
C PRO C 41 48.06 -29.15 -26.22
N GLY C 42 48.14 -30.37 -25.71
CA GLY C 42 47.82 -31.55 -26.50
C GLY C 42 46.54 -32.27 -26.07
N LYS C 43 45.73 -31.65 -25.22
CA LYS C 43 44.56 -32.32 -24.68
C LYS C 43 43.21 -31.66 -24.98
N GLY C 44 42.16 -32.24 -24.41
CA GLY C 44 40.81 -31.74 -24.54
C GLY C 44 40.53 -30.76 -23.42
N LEU C 45 39.28 -30.51 -23.14
CA LEU C 45 38.90 -29.51 -22.16
C LEU C 45 38.76 -30.13 -20.78
N GLU C 46 39.11 -29.37 -19.75
CA GLU C 46 38.94 -29.79 -18.36
C GLU C 46 38.29 -28.69 -17.53
N TRP C 47 37.28 -29.00 -16.75
CA TRP C 47 36.72 -27.96 -15.91
C TRP C 47 37.62 -27.72 -14.72
N VAL C 48 37.88 -26.46 -14.36
CA VAL C 48 38.71 -26.16 -13.22
C VAL C 48 37.95 -25.54 -12.05
N SER C 49 37.19 -24.49 -12.32
CA SER C 49 36.49 -23.83 -11.22
C SER C 49 35.21 -23.13 -11.64
N LEU C 50 34.30 -22.98 -10.69
CA LEU C 50 32.99 -22.33 -10.87
C LEU C 50 32.63 -21.35 -9.79
N ILE C 51 32.14 -20.18 -10.18
CA ILE C 51 31.69 -19.20 -9.21
C ILE C 51 30.29 -18.71 -9.52
N ASN C 52 29.56 -18.52 -8.45
CA ASN C 52 28.20 -17.99 -8.38
C ASN C 52 28.08 -16.58 -8.88
N ASP C 53 26.93 -16.22 -9.42
CA ASP C 53 26.69 -14.87 -9.91
C ASP C 53 26.80 -13.76 -8.86
N ARG C 54 26.60 -14.10 -7.59
CA ARG C 54 26.70 -13.15 -6.51
C ARG C 54 28.10 -13.19 -5.86
N GLY C 55 28.93 -14.13 -6.29
CA GLY C 55 30.29 -14.33 -5.80
C GLY C 55 30.46 -15.13 -4.49
N GLY C 56 29.36 -15.55 -3.86
CA GLY C 56 29.43 -16.25 -2.57
C GLY C 56 29.81 -17.72 -2.58
N LEU C 57 29.57 -18.42 -3.68
CA LEU C 57 29.81 -19.85 -3.71
C LEU C 57 30.81 -20.22 -4.78
N THR C 58 31.83 -20.95 -4.37
CA THR C 58 32.87 -21.39 -5.30
C THR C 58 33.07 -22.88 -5.24
N PHE C 59 33.38 -23.47 -6.39
CA PHE C 59 33.61 -24.90 -6.49
C PHE C 59 34.88 -25.15 -7.29
N TYR C 60 35.62 -26.19 -6.95
CA TYR C 60 36.87 -26.53 -7.66
C TYR C 60 37.00 -27.97 -8.00
N VAL C 61 37.77 -28.25 -9.04
CA VAL C 61 38.18 -29.61 -9.36
C VAL C 61 39.20 -29.98 -8.28
N ASP C 62 39.19 -31.22 -7.81
CA ASP C 62 40.10 -31.62 -6.75
C ASP C 62 41.57 -31.32 -7.01
N SER C 63 42.03 -31.41 -8.23
CA SER C 63 43.44 -31.20 -8.51
C SER C 63 43.97 -29.80 -8.23
N VAL C 64 43.10 -28.79 -8.07
CA VAL C 64 43.52 -27.43 -7.79
C VAL C 64 42.85 -26.91 -6.53
N LYS C 65 42.14 -27.77 -5.84
CA LYS C 65 41.25 -27.31 -4.78
C LYS C 65 41.91 -26.53 -3.67
N GLY C 66 43.12 -26.89 -3.28
CA GLY C 66 43.79 -26.16 -2.23
C GLY C 66 44.76 -25.13 -2.77
N ARG C 67 44.76 -24.92 -4.09
CA ARG C 67 45.74 -24.04 -4.69
C ARG C 67 45.17 -22.84 -5.44
N PHE C 68 43.98 -22.99 -6.02
CA PHE C 68 43.41 -21.91 -6.81
C PHE C 68 42.26 -21.21 -6.10
N THR C 69 42.15 -19.91 -6.31
CA THR C 69 41.01 -19.13 -5.83
C THR C 69 40.26 -18.47 -6.99
N ILE C 70 38.94 -18.64 -7.05
CA ILE C 70 38.16 -18.02 -8.11
C ILE C 70 37.41 -16.88 -7.49
N SER C 71 37.41 -15.74 -8.13
CA SER C 71 36.70 -14.62 -7.57
C SER C 71 35.94 -13.83 -8.61
N ARG C 72 35.27 -12.80 -8.14
CA ARG C 72 34.38 -11.97 -8.94
C ARG C 72 34.20 -10.57 -8.43
N ASP C 73 34.10 -9.63 -9.35
CA ASP C 73 33.78 -8.25 -9.04
C ASP C 73 32.66 -7.78 -9.96
N ASN C 74 31.46 -7.64 -9.40
CA ASN C 74 30.31 -7.30 -10.22
C ASN C 74 30.19 -5.82 -10.53
N SER C 75 31.06 -5.00 -9.98
CA SER C 75 31.01 -3.58 -10.27
C SER C 75 31.91 -3.28 -11.45
N LYS C 76 32.96 -4.08 -11.58
CA LYS C 76 33.93 -3.92 -12.65
C LYS C 76 33.83 -4.96 -13.75
N ASN C 77 32.79 -5.78 -13.73
CA ASN C 77 32.58 -6.83 -14.72
C ASN C 77 33.81 -7.69 -14.90
N THR C 78 34.42 -8.06 -13.78
CA THR C 78 35.64 -8.83 -13.86
C THR C 78 35.62 -10.17 -13.12
N LEU C 79 36.06 -11.18 -13.84
CA LEU C 79 36.22 -12.54 -13.31
C LEU C 79 37.70 -12.75 -13.09
N SER C 80 38.10 -13.42 -12.02
CA SER C 80 39.52 -13.66 -11.86
C SER C 80 39.87 -14.99 -11.25
N LEU C 81 41.10 -15.43 -11.48
CA LEU C 81 41.60 -16.68 -10.92
C LEU C 81 43.01 -16.50 -10.38
N GLN C 82 43.21 -16.78 -9.11
CA GLN C 82 44.54 -16.66 -8.53
C GLN C 82 45.11 -18.04 -8.36
N MET C 83 46.18 -18.33 -9.08
CA MET C 83 46.73 -19.67 -9.00
C MET C 83 48.02 -19.69 -8.20
N HIS C 84 48.15 -20.66 -7.29
CA HIS C 84 49.38 -20.80 -6.53
C HIS C 84 50.00 -22.19 -6.66
N SER C 85 51.31 -22.24 -6.51
CA SER C 85 52.17 -23.42 -6.49
C SER C 85 52.38 -24.06 -7.86
N LEU C 86 51.69 -23.53 -8.85
CA LEU C 86 51.83 -23.82 -10.26
C LEU C 86 52.74 -24.94 -10.62
N ARG C 87 52.14 -26.09 -10.83
CA ARG C 87 52.80 -27.31 -11.18
C ARG C 87 53.05 -27.31 -12.68
N ASP C 88 53.95 -28.14 -13.18
CA ASP C 88 54.18 -28.18 -14.63
C ASP C 88 52.92 -28.63 -15.35
N GLY C 89 52.15 -29.44 -14.65
CA GLY C 89 50.88 -29.99 -15.10
C GLY C 89 49.78 -28.93 -15.25
N ASP C 90 50.03 -27.71 -14.80
CA ASP C 90 49.06 -26.64 -14.93
C ASP C 90 49.25 -25.83 -16.21
N THR C 91 50.21 -26.23 -17.08
CA THR C 91 50.36 -25.50 -18.34
C THR C 91 49.15 -25.77 -19.20
N ALA C 92 48.52 -24.71 -19.64
CA ALA C 92 47.30 -24.83 -20.43
C ALA C 92 46.78 -23.50 -20.91
N VAL C 93 45.84 -23.55 -21.83
CA VAL C 93 45.08 -22.36 -22.14
C VAL C 93 43.90 -22.30 -21.19
N TYR C 94 43.72 -21.17 -20.53
CA TYR C 94 42.64 -21.00 -19.58
C TYR C 94 41.56 -20.12 -20.16
N TYR C 95 40.40 -20.71 -20.36
CA TYR C 95 39.30 -20.01 -20.97
C TYR C 95 38.31 -19.52 -19.93
N CYS C 96 37.84 -18.28 -20.11
CA CYS C 96 36.82 -17.60 -19.35
C CYS C 96 35.50 -18.03 -19.98
N ALA C 97 34.59 -18.57 -19.20
CA ALA C 97 33.33 -19.00 -19.79
C ALA C 97 32.17 -18.63 -18.92
N THR C 98 31.05 -18.37 -19.57
CA THR C 98 29.82 -18.02 -18.88
C THR C 98 28.91 -19.20 -18.87
N GLY C 99 28.45 -19.57 -17.67
CA GLY C 99 27.57 -20.71 -17.49
C GLY C 99 28.05 -21.62 -16.39
N GLY C 100 27.49 -22.81 -16.36
CA GLY C 100 27.77 -23.84 -15.36
C GLY C 100 26.84 -23.87 -14.14
N MET C 101 26.03 -22.84 -13.92
CA MET C 101 25.14 -22.79 -12.77
C MET C 101 24.10 -21.68 -12.87
N SER C 102 23.00 -21.83 -12.12
CA SER C 102 21.91 -20.85 -11.99
C SER C 102 21.56 -20.62 -10.53
N SER C 103 20.64 -19.68 -10.26
CA SER C 103 20.26 -19.31 -8.90
C SER C 103 18.94 -19.78 -8.31
N ALA C 104 18.39 -20.95 -8.67
CA ALA C 104 17.12 -21.48 -8.11
C ALA C 104 15.84 -20.78 -8.58
N LEU C 105 15.89 -19.47 -8.79
CA LEU C 105 14.73 -18.72 -9.26
C LEU C 105 14.84 -18.50 -10.76
N GLN C 106 15.85 -19.10 -11.35
CA GLN C 106 16.19 -19.03 -12.76
C GLN C 106 16.12 -20.40 -13.38
N SER C 107 15.96 -20.46 -14.69
CA SER C 107 16.05 -21.72 -15.40
C SER C 107 17.48 -22.18 -15.23
N SER C 108 17.70 -23.48 -15.22
CA SER C 108 19.01 -24.03 -15.03
C SER C 108 19.94 -23.88 -16.22
N LYS C 109 21.22 -24.04 -15.96
CA LYS C 109 22.24 -24.03 -16.99
C LYS C 109 22.82 -25.39 -17.17
N TYR C 110 23.91 -25.66 -16.48
CA TYR C 110 24.67 -26.89 -16.57
C TYR C 110 25.34 -27.10 -17.91
N TYR C 111 25.63 -26.01 -18.59
CA TYR C 111 26.37 -25.95 -19.83
C TYR C 111 27.03 -24.59 -19.88
N PHE C 112 27.97 -24.39 -20.81
CA PHE C 112 28.65 -23.10 -20.94
C PHE C 112 28.22 -22.34 -22.19
N ASP C 113 27.60 -21.16 -22.02
CA ASP C 113 27.06 -20.40 -23.16
C ASP C 113 28.07 -19.58 -23.92
N PHE C 114 29.00 -18.96 -23.21
CA PHE C 114 29.93 -18.07 -23.90
C PHE C 114 31.32 -18.37 -23.51
N TRP C 115 32.24 -18.22 -24.43
CA TRP C 115 33.65 -18.46 -24.17
C TRP C 115 34.52 -17.28 -24.58
N GLY C 116 35.60 -17.06 -23.85
CA GLY C 116 36.61 -16.07 -24.20
C GLY C 116 37.59 -16.78 -25.10
N GLN C 117 38.76 -16.19 -25.37
CA GLN C 117 39.65 -16.90 -26.29
C GLN C 117 40.75 -17.65 -25.58
N GLY C 118 41.00 -17.27 -24.36
CA GLY C 118 41.94 -17.99 -23.52
C GLY C 118 43.33 -17.42 -23.35
N ALA C 119 43.80 -17.44 -22.11
CA ALA C 119 45.14 -16.97 -21.79
C ALA C 119 46.05 -18.17 -21.77
N LEU C 120 47.26 -18.05 -22.26
CA LEU C 120 48.14 -19.20 -22.17
C LEU C 120 49.08 -19.09 -21.02
N VAL C 121 48.97 -20.03 -20.11
CA VAL C 121 49.78 -20.05 -18.92
C VAL C 121 50.81 -21.12 -19.03
N THR C 122 52.06 -20.73 -18.94
CA THR C 122 53.14 -21.69 -19.08
C THR C 122 53.94 -21.82 -17.83
N VAL C 123 54.10 -23.05 -17.36
CA VAL C 123 54.90 -23.28 -16.18
C VAL C 123 56.14 -24.07 -16.63
N SER C 124 57.36 -23.48 -16.47
CA SER C 124 58.63 -24.07 -16.97
C SER C 124 59.65 -24.40 -15.85
N ALA D 1 37.49 -38.65 -18.96
CA ALA D 1 36.35 -39.02 -18.14
C ALA D 1 35.27 -39.72 -18.98
N LEU D 2 34.76 -39.04 -20.05
CA LEU D 2 33.75 -39.57 -20.99
C LEU D 2 34.47 -40.13 -22.18
N THR D 3 33.93 -41.16 -22.80
CA THR D 3 34.59 -41.72 -23.96
C THR D 3 33.87 -41.40 -25.24
N GLN D 4 34.58 -40.82 -26.18
CA GLN D 4 34.02 -40.52 -27.48
C GLN D 4 35.12 -40.91 -28.43
N PRO D 5 34.84 -41.36 -29.66
CA PRO D 5 35.81 -41.82 -30.61
C PRO D 5 36.62 -40.72 -31.28
N PRO D 6 37.84 -40.99 -31.70
CA PRO D 6 38.63 -40.16 -32.57
C PRO D 6 38.19 -40.39 -34.00
N SER D 7 38.50 -39.44 -34.86
CA SER D 7 38.41 -39.59 -36.32
C SER D 7 37.08 -40.06 -36.93
N VAL D 8 35.98 -39.48 -36.52
CA VAL D 8 34.71 -39.75 -37.13
C VAL D 8 34.74 -39.06 -38.47
N SER D 9 34.26 -39.69 -39.53
CA SER D 9 34.34 -39.04 -40.83
C SER D 9 33.24 -39.44 -41.80
N GLY D 10 33.13 -38.66 -42.86
CA GLY D 10 32.20 -38.93 -43.96
C GLY D 10 32.30 -37.85 -45.02
N SER D 11 31.69 -38.07 -46.18
CA SER D 11 31.72 -37.13 -47.30
C SER D 11 30.63 -36.09 -47.19
N PRO D 12 30.75 -34.92 -47.83
CA PRO D 12 29.73 -33.90 -47.80
C PRO D 12 28.42 -34.50 -48.24
N GLY D 13 27.38 -34.16 -47.52
CA GLY D 13 26.03 -34.63 -47.77
C GLY D 13 25.69 -35.90 -46.98
N GLN D 14 26.69 -36.56 -46.40
CA GLN D 14 26.43 -37.77 -45.63
C GLN D 14 26.32 -37.39 -44.18
N SER D 15 25.49 -38.07 -43.43
CA SER D 15 25.44 -37.79 -42.00
C SER D 15 26.55 -38.52 -41.29
N VAL D 16 26.90 -38.03 -40.12
CA VAL D 16 27.85 -38.69 -39.23
C VAL D 16 27.31 -38.70 -37.82
N THR D 17 27.75 -39.67 -37.02
CA THR D 17 27.36 -39.67 -35.62
C THR D 17 28.58 -39.75 -34.74
N ILE D 18 28.64 -38.86 -33.77
CA ILE D 18 29.71 -38.85 -32.82
C ILE D 18 29.14 -39.29 -31.47
N SER D 19 29.57 -40.45 -31.00
CA SER D 19 29.04 -40.98 -29.74
C SER D 19 29.82 -40.44 -28.53
N CYS D 20 29.23 -40.59 -27.31
CA CYS D 20 29.79 -40.23 -26.00
C CYS D 20 29.26 -41.16 -24.91
N THR D 21 30.09 -42.06 -24.43
CA THR D 21 29.64 -43.01 -23.42
C THR D 21 30.24 -42.67 -22.08
N GLY D 22 29.37 -42.52 -21.09
CA GLY D 22 29.76 -42.20 -19.73
C GLY D 22 29.34 -43.31 -18.81
N THR D 23 29.03 -42.94 -17.59
CA THR D 23 28.64 -43.88 -16.56
C THR D 23 27.24 -43.62 -16.03
N SER D 24 26.83 -44.42 -15.04
CA SER D 24 25.50 -44.27 -14.49
C SER D 24 25.35 -43.00 -13.69
N SER D 25 26.33 -42.67 -12.82
CA SER D 25 26.28 -41.42 -12.04
C SER D 25 26.91 -40.29 -12.83
N ASP D 26 26.36 -40.11 -14.00
CA ASP D 26 26.78 -39.18 -15.01
C ASP D 26 25.68 -38.99 -16.05
N ILE D 27 25.90 -39.53 -17.26
CA ILE D 27 24.94 -39.46 -18.34
C ILE D 27 23.69 -40.21 -17.95
N GLY D 28 23.85 -41.33 -17.29
CA GLY D 28 22.72 -42.12 -16.86
C GLY D 28 21.86 -41.49 -15.75
N SER D 29 22.36 -40.46 -15.04
CA SER D 29 21.58 -39.84 -13.96
C SER D 29 21.04 -38.47 -14.28
N TYR D 30 21.73 -37.71 -15.13
CA TYR D 30 21.26 -36.35 -15.37
C TYR D 30 21.11 -36.07 -16.85
N ASN D 31 20.05 -35.38 -17.25
CA ASN D 31 19.93 -35.02 -18.66
C ASN D 31 20.58 -33.69 -18.96
N TYR D 32 21.86 -33.59 -18.70
CA TYR D 32 22.58 -32.35 -18.91
C TYR D 32 23.83 -32.63 -19.69
N VAL D 33 23.67 -32.97 -20.93
CA VAL D 33 24.80 -33.30 -21.77
C VAL D 33 24.88 -32.23 -22.83
N SER D 34 26.06 -31.68 -23.01
CA SER D 34 26.25 -30.65 -23.99
C SER D 34 27.38 -31.00 -24.90
N TRP D 35 27.36 -30.39 -26.07
CA TRP D 35 28.41 -30.57 -27.06
C TRP D 35 28.97 -29.25 -27.49
N TYR D 36 30.29 -29.23 -27.70
CA TYR D 36 31.00 -28.04 -28.13
C TYR D 36 31.82 -28.30 -29.38
N GLN D 37 31.93 -27.29 -30.22
CA GLN D 37 32.71 -27.36 -31.46
C GLN D 37 33.94 -26.48 -31.44
N GLN D 38 35.11 -27.10 -31.49
CA GLN D 38 36.33 -26.30 -31.46
C GLN D 38 37.15 -26.39 -32.72
N HIS D 39 37.26 -25.29 -33.44
CA HIS D 39 38.09 -25.32 -34.61
C HIS D 39 39.47 -25.11 -34.03
N PRO D 40 40.54 -25.71 -34.54
CA PRO D 40 41.86 -25.50 -34.01
C PRO D 40 42.18 -24.02 -33.99
N GLY D 41 42.74 -23.56 -32.88
CA GLY D 41 43.11 -22.16 -32.73
C GLY D 41 42.01 -21.25 -32.17
N LYS D 42 40.80 -21.79 -31.99
CA LYS D 42 39.68 -20.99 -31.51
C LYS D 42 39.09 -21.54 -30.21
N ALA D 43 38.42 -20.69 -29.44
CA ALA D 43 37.72 -21.20 -28.27
C ALA D 43 36.52 -22.05 -28.73
N PRO D 44 36.08 -23.06 -27.95
CA PRO D 44 34.92 -23.89 -28.25
C PRO D 44 33.62 -23.12 -28.33
N LYS D 45 32.74 -23.53 -29.23
CA LYS D 45 31.41 -22.95 -29.37
C LYS D 45 30.35 -23.92 -28.87
N LEU D 46 29.31 -23.46 -28.21
CA LEU D 46 28.25 -24.39 -27.80
C LEU D 46 27.38 -24.77 -28.98
N MET D 47 27.15 -26.07 -29.18
CA MET D 47 26.29 -26.51 -30.26
C MET D 47 24.99 -27.11 -29.75
N ILE D 48 25.10 -27.93 -28.71
CA ILE D 48 23.98 -28.65 -28.10
C ILE D 48 24.02 -28.56 -26.58
N TYR D 49 22.87 -28.47 -25.93
CA TYR D 49 22.80 -28.51 -24.48
C TYR D 49 21.57 -29.25 -23.99
N ASP D 50 21.59 -29.71 -22.74
CA ASP D 50 20.46 -30.44 -22.20
C ASP D 50 20.04 -31.59 -23.10
N VAL D 51 21.03 -32.29 -23.62
CA VAL D 51 20.97 -33.45 -24.49
C VAL D 51 20.46 -33.11 -25.90
N THR D 52 19.27 -32.52 -26.02
CA THR D 52 18.65 -32.25 -27.32
C THR D 52 18.48 -30.80 -27.79
N GLN D 53 18.83 -29.80 -26.99
CA GLN D 53 18.53 -28.41 -27.37
C GLN D 53 19.66 -27.77 -28.11
N ARG D 54 19.36 -26.80 -28.95
CA ARG D 54 20.43 -26.10 -29.59
C ARG D 54 20.21 -24.62 -29.32
N PRO D 55 21.26 -23.81 -29.17
CA PRO D 55 21.20 -22.39 -28.95
C PRO D 55 20.82 -21.67 -30.21
N SER D 56 20.30 -20.48 -30.05
CA SER D 56 20.07 -19.66 -31.21
C SER D 56 21.43 -19.41 -31.80
N GLY D 57 21.51 -19.33 -33.12
CA GLY D 57 22.79 -19.08 -33.74
C GLY D 57 23.43 -20.31 -34.36
N VAL D 58 22.89 -21.51 -34.11
CA VAL D 58 23.49 -22.66 -34.78
C VAL D 58 22.43 -23.30 -35.66
N SER D 59 22.89 -24.07 -36.63
CA SER D 59 22.02 -24.71 -37.58
C SER D 59 21.31 -25.92 -37.02
N ASP D 60 20.29 -26.34 -37.73
CA ASP D 60 19.47 -27.47 -37.37
C ASP D 60 19.99 -28.76 -37.95
N ARG D 61 21.21 -28.69 -38.46
CA ARG D 61 21.88 -29.84 -38.96
C ARG D 61 22.49 -30.58 -37.78
N PHE D 62 22.55 -29.91 -36.62
CA PHE D 62 23.12 -30.47 -35.40
C PHE D 62 22.00 -30.86 -34.46
N SER D 63 21.95 -32.14 -34.11
CA SER D 63 20.90 -32.68 -33.26
C SER D 63 21.39 -33.69 -32.24
N GLY D 64 21.07 -33.46 -30.97
CA GLY D 64 21.54 -34.38 -29.94
C GLY D 64 20.50 -35.42 -29.53
N SER D 65 20.96 -36.51 -28.93
CA SER D 65 20.08 -37.55 -28.38
C SER D 65 20.82 -38.41 -27.36
N LYS D 66 20.07 -39.23 -26.61
CA LYS D 66 20.73 -40.18 -25.69
C LYS D 66 19.88 -41.39 -25.38
N SER D 67 20.54 -42.45 -24.93
CA SER D 67 19.91 -43.65 -24.42
C SER D 67 20.84 -44.32 -23.41
N GLY D 68 20.31 -44.71 -22.25
CA GLY D 68 21.17 -45.35 -21.26
C GLY D 68 22.27 -44.39 -20.81
N ASN D 69 23.52 -44.84 -20.89
CA ASN D 69 24.65 -44.03 -20.48
C ASN D 69 25.36 -43.43 -21.70
N THR D 70 24.73 -43.52 -22.87
CA THR D 70 25.38 -42.99 -24.07
C THR D 70 24.61 -41.87 -24.72
N ALA D 71 25.34 -40.80 -24.99
CA ALA D 71 24.83 -39.62 -25.64
C ALA D 71 25.47 -39.52 -27.01
N SER D 72 24.80 -38.89 -27.95
CA SER D 72 25.43 -38.69 -29.25
C SER D 72 25.02 -37.42 -29.96
N LEU D 73 25.90 -36.99 -30.85
CA LEU D 73 25.67 -35.85 -31.71
C LEU D 73 25.55 -36.27 -33.15
N THR D 74 24.43 -35.92 -33.76
CA THR D 74 24.22 -36.25 -35.15
C THR D 74 24.36 -35.01 -35.99
N ILE D 75 25.14 -35.12 -37.03
CA ILE D 75 25.30 -34.03 -37.98
C ILE D 75 24.72 -34.55 -39.27
N SER D 76 23.76 -33.83 -39.85
CA SER D 76 23.08 -34.31 -41.06
C SER D 76 23.74 -33.89 -42.38
N GLY D 77 23.37 -32.75 -42.94
CA GLY D 77 23.92 -32.30 -44.22
C GLY D 77 25.34 -31.79 -44.07
N LEU D 78 26.25 -32.73 -43.88
CA LEU D 78 27.65 -32.47 -43.59
C LEU D 78 28.27 -31.59 -44.64
N GLN D 79 28.98 -30.56 -44.15
CA GLN D 79 29.66 -29.57 -44.99
C GLN D 79 31.14 -29.61 -44.72
N ALA D 80 31.94 -29.11 -45.67
CA ALA D 80 33.40 -29.07 -45.49
C ALA D 80 33.80 -28.27 -44.25
N ASP D 81 33.02 -27.26 -43.92
CA ASP D 81 33.32 -26.38 -42.82
C ASP D 81 32.99 -26.98 -41.46
N ASP D 82 32.51 -28.21 -41.43
CA ASP D 82 32.22 -28.84 -40.16
C ASP D 82 33.48 -29.44 -39.55
N GLU D 83 34.61 -29.45 -40.27
CA GLU D 83 35.79 -30.03 -39.65
C GLU D 83 36.10 -29.31 -38.35
N ALA D 84 36.17 -30.08 -37.26
CA ALA D 84 36.41 -29.55 -35.93
C ALA D 84 36.61 -30.64 -34.91
N ASP D 85 37.12 -30.28 -33.74
CA ASP D 85 37.14 -31.19 -32.62
C ASP D 85 35.86 -31.05 -31.83
N TYR D 86 35.05 -32.10 -31.83
CA TYR D 86 33.80 -32.02 -31.11
C TYR D 86 33.97 -32.64 -29.74
N TYR D 87 33.46 -31.98 -28.72
CA TYR D 87 33.59 -32.50 -27.37
C TYR D 87 32.24 -32.63 -26.71
N CYS D 88 32.06 -33.67 -25.89
CA CYS D 88 30.89 -33.84 -25.04
C CYS D 88 31.29 -33.56 -23.62
N SER D 89 30.32 -33.09 -22.86
CA SER D 89 30.52 -32.92 -21.45
C SER D 89 29.24 -33.18 -20.75
N ALA D 90 29.34 -33.47 -19.48
CA ALA D 90 28.14 -33.69 -18.73
C ALA D 90 28.26 -33.25 -17.30
N TYR D 91 27.13 -32.85 -16.75
CA TYR D 91 27.06 -32.57 -15.34
C TYR D 91 27.07 -33.90 -14.63
N ALA D 92 27.91 -34.04 -13.61
CA ALA D 92 28.01 -35.32 -12.94
C ALA D 92 27.84 -35.24 -11.43
N GLY D 93 27.05 -34.30 -10.95
CA GLY D 93 26.78 -34.18 -9.51
C GLY D 93 27.44 -32.96 -8.90
N ARG D 94 27.25 -32.77 -7.58
CA ARG D 94 27.76 -31.58 -6.90
C ARG D 94 29.16 -31.76 -6.33
N GLN D 95 29.73 -32.93 -6.53
CA GLN D 95 31.08 -33.22 -6.06
C GLN D 95 32.09 -33.10 -7.18
N THR D 96 31.71 -33.55 -8.36
CA THR D 96 32.52 -33.54 -9.55
C THR D 96 31.67 -32.91 -10.61
N PHE D 97 31.59 -31.61 -10.58
CA PHE D 97 30.62 -30.90 -11.40
C PHE D 97 30.67 -31.20 -12.87
N TYR D 98 31.80 -31.02 -13.53
CA TYR D 98 31.76 -31.29 -14.96
C TYR D 98 32.85 -32.18 -15.40
N ILE D 99 32.49 -33.04 -16.32
CA ILE D 99 33.47 -33.89 -16.94
C ILE D 99 33.36 -33.78 -18.44
N PHE D 100 34.47 -34.00 -19.12
CA PHE D 100 34.54 -33.95 -20.58
C PHE D 100 35.15 -35.19 -21.19
N GLY D 101 34.83 -35.44 -22.45
CA GLY D 101 35.49 -36.50 -23.19
C GLY D 101 36.70 -35.92 -23.94
N GLY D 102 37.37 -36.73 -24.74
CA GLY D 102 38.49 -36.21 -25.51
C GLY D 102 37.85 -35.63 -26.73
N GLY D 103 38.59 -35.06 -27.66
CA GLY D 103 37.88 -34.51 -28.80
C GLY D 103 37.74 -35.50 -29.93
N THR D 104 36.71 -35.32 -30.74
CA THR D 104 36.53 -36.11 -31.93
C THR D 104 36.91 -35.29 -33.13
N ARG D 105 37.97 -35.67 -33.81
CA ARG D 105 38.38 -34.88 -34.97
C ARG D 105 37.57 -35.27 -36.17
N LEU D 106 36.47 -34.55 -36.36
CA LEU D 106 35.58 -34.85 -37.47
C LEU D 106 36.22 -34.37 -38.73
N THR D 107 36.32 -35.28 -39.68
CA THR D 107 36.90 -35.01 -40.99
C THR D 107 35.87 -35.18 -42.08
N VAL D 108 35.79 -34.19 -42.95
CA VAL D 108 34.84 -34.23 -44.04
C VAL D 108 35.64 -34.57 -45.31
N LEU D 109 35.23 -35.65 -45.99
CA LEU D 109 35.89 -36.29 -47.15
C LEU D 109 35.28 -35.85 -48.51
C1 NAG E . -34.37 32.16 3.90
C2 NAG E . -35.55 31.26 4.51
C3 NAG E . -36.58 30.99 3.35
C4 NAG E . -37.13 32.34 2.78
C5 NAG E . -35.92 33.22 2.29
C6 NAG E . -36.34 34.63 1.88
C7 NAG E . -34.80 29.66 6.28
C8 NAG E . -34.22 28.32 6.65
N2 NAG E . -34.99 29.96 4.99
O3 NAG E . -37.69 30.22 3.85
O4 NAG E . -37.88 32.02 1.56
O5 NAG E . -34.95 33.41 3.39
O6 NAG E . -35.27 35.37 1.30
O7 NAG E . -35.09 30.46 7.18
C1 NAG E . -39.38 32.24 1.59
C2 NAG E . -39.87 32.51 0.11
C3 NAG E . -41.42 32.71 0.12
C4 NAG E . -42.12 31.45 0.75
C5 NAG E . -41.57 31.24 2.21
C6 NAG E . -42.14 29.99 2.90
C7 NAG E . -38.49 33.84 -1.51
C8 NAG E . -37.88 35.15 -1.91
N2 NAG E . -39.22 33.76 -0.38
O3 NAG E . -41.90 32.89 -1.23
O4 NAG E . -43.54 31.65 0.77
O5 NAG E . -40.08 31.10 2.17
O6 NAG E . -42.04 30.06 4.32
O7 NAG E . -38.34 32.86 -2.25
C1 NAG F . -21.07 42.60 6.50
C2 NAG F . -20.14 43.19 7.62
C3 NAG F . -20.88 44.38 8.30
C4 NAG F . -21.23 45.47 7.21
C5 NAG F . -22.11 44.79 6.09
C6 NAG F . -22.44 45.71 4.90
C7 NAG F . -19.35 41.36 9.52
C8 NAG F . -19.56 39.86 9.52
N2 NAG F . -19.80 42.08 8.52
O3 NAG F . -20.01 44.96 9.30
O4 NAG F . -22.02 46.54 7.81
O5 NAG F . -21.39 43.64 5.51
O6 NAG F . -23.54 45.21 4.14
O7 NAG F . -18.75 41.90 10.45
C1 NAG F . -21.34 47.87 8.00
C2 NAG F . -22.46 48.98 8.16
C3 NAG F . -21.75 50.37 8.37
C4 NAG F . -20.81 50.30 9.63
C5 NAG F . -19.75 49.16 9.42
C6 NAG F . -18.85 48.95 10.65
C7 NAG F . -24.55 48.63 6.83
C8 NAG F . -25.29 48.71 5.53
N2 NAG F . -23.28 49.03 6.90
O3 NAG F . -22.75 51.39 8.57
O4 NAG F . -20.16 51.56 9.82
O5 NAG F . -20.46 47.86 9.16
O6 NAG F . -17.69 48.19 10.34
O7 NAG F . -25.15 48.20 7.84
C1 NAG G . -11.77 27.91 11.16
C2 NAG G . -12.64 27.91 12.50
C3 NAG G . -12.44 29.29 13.22
C4 NAG G . -10.92 29.51 13.53
C5 NAG G . -10.12 29.46 12.19
C6 NAG G . -8.61 29.57 12.36
C7 NAG G . -14.81 26.65 12.51
C8 NAG G . -16.25 26.54 12.14
N2 NAG G . -14.08 27.73 12.16
O3 NAG G . -13.18 29.31 14.45
O4 NAG G . -10.73 30.82 14.13
O5 NAG G . -10.37 28.18 11.52
O6 NAG G . -8.06 28.62 13.27
O7 NAG G . -14.29 25.73 13.16
C1 NAG G . -10.20 30.83 15.53
C2 NAG G . -9.52 32.23 15.82
C3 NAG G . -8.96 32.18 17.29
C4 NAG G . -10.12 31.87 18.31
C5 NAG G . -10.78 30.49 17.90
C6 NAG G . -12.01 30.15 18.75
C7 NAG G . -8.38 33.45 13.96
C8 NAG G . -7.22 33.56 13.02
N2 NAG G . -8.41 32.44 14.86
O3 NAG G . -8.38 33.47 17.58
O4 NAG G . -9.54 31.72 19.63
O5 NAG G . -11.24 30.54 16.49
O6 NAG G . -13.10 31.06 18.56
O7 NAG G . -9.29 34.29 13.91
C1 BMA G . -10.02 32.68 20.69
C2 BMA G . -9.59 32.18 22.08
C3 BMA G . -10.17 33.12 23.13
C4 BMA G . -9.64 34.52 22.84
C5 BMA G . -10.08 34.93 21.44
C6 BMA G . -9.58 36.33 21.11
O2 BMA G . -8.16 32.18 22.20
O3 BMA G . -9.76 32.68 24.46
O4 BMA G . -10.12 35.45 23.80
O5 BMA G . -9.55 34.02 20.45
O6 BMA G . -8.24 36.48 21.52
C1 MAN G . -10.86 32.50 25.48
C2 MAN G . -10.24 32.33 26.92
C3 MAN G . -9.51 30.96 26.99
C4 MAN G . -10.50 29.79 26.65
C5 MAN G . -11.09 30.04 25.21
C6 MAN G . -12.15 29.00 24.82
O2 MAN G . -11.26 32.46 27.93
O3 MAN G . -8.95 30.77 28.31
O4 MAN G . -9.82 28.55 26.69
O5 MAN G . -11.75 31.38 25.17
O6 MAN G . -12.48 29.05 23.43
C1 NAG H . -36.23 41.99 32.40
C2 NAG H . -35.28 43.20 31.98
C3 NAG H . -34.67 43.80 33.29
C4 NAG H . -35.81 44.27 34.28
C5 NAG H . -36.71 43.02 34.60
C6 NAG H . -37.92 43.33 35.49
C7 NAG H . -33.75 43.16 30.01
C8 NAG H . -32.61 42.53 29.25
N2 NAG H . -34.17 42.63 31.16
O3 NAG H . -33.85 44.94 32.95
O4 NAG H . -35.14 44.68 35.51
O5 NAG H . -37.26 42.48 33.33
O6 NAG H . -38.73 42.18 35.70
O7 NAG H . -34.25 44.18 29.53
C1 NAG H . -35.62 45.95 36.17
C2 NAG H . -35.12 45.91 37.68
C3 NAG H . -35.64 47.21 38.39
C4 NAG H . -35.12 48.49 37.63
C5 NAG H . -35.63 48.43 36.14
C6 NAG H . -35.12 49.59 35.28
C7 NAG H . -34.94 43.65 38.75
C8 NAG H . -35.61 42.47 39.37
N2 NAG H . -35.69 44.69 38.33
O3 NAG H . -35.15 47.24 39.75
O4 NAG H . -35.62 49.67 38.27
O5 NAG H . -35.15 47.17 35.51
O6 NAG H . -35.80 49.65 34.02
O7 NAG H . -33.71 43.64 38.60
C1 NAG I . 9.30 -18.94 -20.55
C2 NAG I . 10.22 -19.55 -21.70
C3 NAG I . 10.41 -18.47 -22.83
C4 NAG I . 9.01 -18.02 -23.39
C5 NAG I . 8.15 -17.47 -22.20
C6 NAG I . 6.73 -17.07 -22.61
C7 NAG I . 12.06 -21.14 -21.09
C8 NAG I . 13.41 -21.40 -20.51
N2 NAG I . 11.56 -19.89 -21.14
O3 NAG I . 11.20 -19.02 -23.90
O4 NAG I . 9.20 -17.00 -24.37
O5 NAG I . 8.04 -18.50 -21.14
O6 NAG I . 5.99 -18.20 -23.13
O7 NAG I . 11.41 -22.10 -21.53
C1 FUC I . 4.73 -17.83 -23.89
C2 FUC I . 3.92 -19.14 -24.28
C3 FUC I . 3.36 -19.79 -22.97
C4 FUC I . 2.44 -18.76 -22.21
C5 FUC I . 3.30 -17.47 -21.89
C6 FUC I . 2.52 -16.36 -21.22
O2 FUC I . 4.76 -20.07 -24.97
O3 FUC I . 2.59 -20.96 -23.30
O4 FUC I . 1.27 -18.46 -22.99
O5 FUC I . 3.88 -16.90 -23.15
C1 NAG J . -2.31 -32.26 -9.98
C2 NAG J . -2.17 -33.66 -9.41
C3 NAG J . -2.91 -34.59 -10.36
C4 NAG J . -4.36 -34.14 -10.38
C5 NAG J . -4.41 -32.72 -10.90
C6 NAG J . -5.82 -32.24 -10.96
C7 NAG J . -0.27 -34.77 -8.37
C8 NAG J . -0.85 -34.55 -7.00
N2 NAG J . -0.78 -34.03 -9.36
O3 NAG J . -2.87 -35.95 -9.93
O4 NAG J . -5.15 -35.02 -11.19
O5 NAG J . -3.68 -31.91 -10.00
O6 NAG J . -6.22 -32.03 -9.61
O7 NAG J . 0.59 -35.59 -8.57
C1 FUC J . -7.46 -31.33 -9.64
C2 FUC J . -8.13 -31.38 -8.28
C3 FUC J . -7.38 -30.48 -7.29
C4 FUC J . -7.25 -29.08 -7.85
C5 FUC J . -6.62 -29.12 -9.24
C6 FUC J . -6.60 -27.75 -9.89
O2 FUC J . -8.06 -32.72 -7.78
O3 FUC J . -8.11 -30.47 -6.06
O4 FUC J . -8.54 -28.46 -7.91
O5 FUC J . -7.33 -30.00 -10.10
C1 NAG K . 8.99 0.13 -11.51
C2 NAG K . 10.20 -0.45 -10.66
C3 NAG K . 11.53 0.18 -11.22
C4 NAG K . 11.68 -0.18 -12.74
C5 NAG K . 10.43 0.36 -13.53
C6 NAG K . 10.43 -0.04 -15.00
C7 NAG K . 10.12 -0.97 -8.24
C8 NAG K . 9.82 -0.60 -6.81
N2 NAG K . 9.95 -0.11 -9.24
O3 NAG K . 12.66 -0.37 -10.49
O4 NAG K . 12.87 0.41 -13.26
O5 NAG K . 9.18 -0.21 -12.93
O6 NAG K . 9.35 0.58 -15.71
O7 NAG K . 10.54 -2.12 -8.46
C1 NAG L . -42.51 32.47 41.51
C2 NAG L . -43.67 32.32 40.43
C3 NAG L . -44.73 33.46 40.67
C4 NAG L . -45.30 33.33 42.13
C5 NAG L . -44.11 33.44 43.14
C6 NAG L . -44.53 33.24 44.60
C7 NAG L . -43.28 31.58 38.06
C8 NAG L . -42.61 31.74 36.73
N2 NAG L . -43.04 32.45 39.07
O3 NAG L . -45.82 33.29 39.73
O4 NAG L . -46.24 34.37 42.37
O5 NAG L . -43.10 32.39 42.85
O6 NAG L . -43.47 33.52 45.50
O7 NAG L . -44.06 30.63 38.21
C1 NAG M . -15.40 8.62 -10.58
C2 NAG M . -16.71 8.84 -11.47
C3 NAG M . -17.19 7.44 -11.98
C4 NAG M . -16.04 6.74 -12.80
C5 NAG M . -14.78 6.60 -11.89
C6 NAG M . -13.56 6.00 -12.59
C7 NAG M . -17.93 10.80 -10.50
C8 NAG M . -19.02 11.41 -9.66
N2 NAG M . -17.79 9.47 -10.64
O3 NAG M . -18.34 7.61 -12.84
O4 NAG M . -16.48 5.44 -13.22
O5 NAG M . -14.37 7.94 -11.39
O6 NAG M . -13.12 6.77 -13.70
O7 NAG M . -17.16 11.59 -11.08
C1 NAG N . -33.93 53.87 21.82
C2 NAG N . -32.83 54.87 22.41
C3 NAG N . -33.54 56.22 22.80
C4 NAG N . -34.26 56.83 21.53
C5 NAG N . -35.29 55.79 20.97
C6 NAG N . -35.99 56.25 19.69
C7 NAG N . -30.92 54.36 23.93
C8 NAG N . -30.38 53.66 25.15
N2 NAG N . -32.22 54.22 23.60
O3 NAG N . -32.58 57.17 23.29
O4 NAG N . -34.94 58.04 21.90
O5 NAG N . -34.58 54.51 20.66
O6 NAG N . -35.09 56.52 18.62
O7 NAG N . -30.15 55.05 23.24
C1 NAG O . -17.96 20.80 -23.33
C2 NAG O . -17.16 19.88 -24.38
C3 NAG O . -15.63 20.05 -24.10
C4 NAG O . -15.22 21.56 -24.25
C5 NAG O . -16.07 22.42 -23.24
C6 NAG O . -15.81 23.93 -23.38
C7 NAG O . -18.42 17.82 -25.02
C8 NAG O . -18.79 16.39 -24.74
N2 NAG O . -17.58 18.46 -24.18
O3 NAG O . -14.88 19.26 -25.05
O4 NAG O . -13.83 21.70 -23.96
O5 NAG O . -17.53 22.20 -23.50
O6 NAG O . -16.40 24.66 -22.31
O7 NAG O . -18.90 18.38 -26.01
C1 NAG P . -27.01 4.33 -10.44
C2 NAG P . -27.27 2.75 -10.39
C3 NAG P . -28.13 2.36 -11.64
C4 NAG P . -29.49 3.17 -11.64
C5 NAG P . -29.16 4.70 -11.65
C6 NAG P . -30.39 5.60 -11.52
C7 NAG P . -25.42 1.40 -9.43
C8 NAG P . -24.07 0.75 -9.60
N2 NAG P . -25.95 2.07 -10.46
O3 NAG P . -28.42 0.95 -11.59
O4 NAG P . -30.25 2.82 -12.80
O5 NAG P . -28.31 5.01 -10.49
O6 NAG P . -30.06 6.96 -11.80
O7 NAG P . -26.00 1.29 -8.35
C1 NAG Q . -33.32 35.50 -5.96
C2 NAG Q . -34.14 35.92 -4.66
C3 NAG Q . -35.37 36.80 -5.11
C4 NAG Q . -34.85 38.06 -5.88
C5 NAG Q . -34.01 37.60 -7.12
C6 NAG Q . -33.36 38.76 -7.88
C7 NAG Q . -34.27 34.38 -2.68
C8 NAG Q . -34.77 33.11 -2.05
N2 NAG Q . -34.61 34.68 -3.95
O3 NAG Q . -36.11 37.22 -3.94
O4 NAG Q . -35.97 38.85 -6.32
O5 NAG Q . -32.89 36.72 -6.67
O6 NAG Q . -32.68 38.33 -9.05
O7 NAG Q . -33.55 35.14 -2.02
C1 NAG R . -21.78 35.72 -12.29
C2 NAG R . -21.97 37.30 -12.52
C3 NAG R . -23.04 37.52 -13.64
C4 NAG R . -22.57 36.80 -14.96
C5 NAG R . -22.35 35.27 -14.67
C6 NAG R . -21.83 34.50 -15.89
C7 NAG R . -21.56 38.60 -10.42
C8 NAG R . -22.06 39.18 -9.13
N2 NAG R . -22.40 37.92 -11.22
O3 NAG R . -23.19 38.93 -13.89
O4 NAG R . -23.57 36.97 -15.96
O5 NAG R . -21.36 35.10 -13.56
O6 NAG R . -20.54 34.94 -16.30
O7 NAG R . -20.37 38.75 -10.71
C1 NAG S . -13.34 39.28 6.31
C2 NAG S . -13.59 40.20 5.05
C3 NAG S . -12.21 40.49 4.37
C4 NAG S . -11.22 41.16 5.40
C5 NAG S . -11.06 40.20 6.64
C6 NAG S . -10.20 40.76 7.78
C7 NAG S . -15.76 39.80 3.85
C8 NAG S . -16.59 38.97 2.91
N2 NAG S . -14.49 39.45 4.11
O3 NAG S . -12.39 41.37 3.26
O4 NAG S . -9.94 41.37 4.79
O5 NAG S . -12.39 39.94 7.23
O6 NAG S . -10.12 39.85 8.88
O7 NAG S . -16.26 40.82 4.37
C1 NAG T . -7.71 29.84 4.34
C2 NAG T . -7.10 29.80 5.81
C3 NAG T . -5.74 30.60 5.82
C4 NAG T . -4.75 29.96 4.77
C5 NAG T . -5.42 29.98 3.35
C6 NAG T . -4.58 29.29 2.28
C7 NAG T . -8.54 29.83 7.84
C8 NAG T . -9.56 30.53 8.68
N2 NAG T . -8.08 30.43 6.73
O3 NAG T . -5.15 30.53 7.13
O4 NAG T . -3.54 30.71 4.75
O5 NAG T . -6.72 29.26 3.40
O6 NAG T . -4.31 27.92 2.58
O7 NAG T . -8.14 28.69 8.16
C1 NAG U . -18.89 45.41 26.19
C2 NAG U . -18.07 46.61 25.55
C3 NAG U . -16.68 46.71 26.29
C4 NAG U . -16.92 46.90 27.83
C5 NAG U . -17.75 45.70 28.38
C6 NAG U . -18.09 45.82 29.87
C7 NAG U . -18.62 46.77 23.11
C8 NAG U . -18.32 46.41 21.68
N2 NAG U . -17.83 46.30 24.10
O3 NAG U . -15.95 47.82 25.76
O4 NAG U . -15.65 46.96 28.50
O5 NAG U . -19.05 45.62 27.64
O6 NAG U . -18.43 44.55 30.44
O7 NAG U . -19.60 47.50 23.35
C1 NAG V . -43.10 18.06 23.04
C2 NAG V . -43.35 16.75 22.18
C3 NAG V . -43.21 17.13 20.66
C4 NAG V . -44.25 18.24 20.30
C5 NAG V . -44.00 19.50 21.21
C6 NAG V . -45.02 20.62 21.01
C7 NAG V . -42.66 14.50 23.02
C8 NAG V . -41.56 13.55 23.41
N2 NAG V . -42.33 15.72 22.57
O3 NAG V . -43.46 15.95 19.86
O4 NAG V . -44.11 18.59 18.93
O5 NAG V . -44.09 19.07 22.64
O6 NAG V . -44.64 21.81 21.68
O7 NAG V . -43.83 14.15 23.14
C1 NAG W . -44.38 41.33 21.75
C2 NAG W . -45.57 42.33 21.39
C3 NAG W . -46.53 41.61 20.38
C4 NAG W . -45.73 41.17 19.10
C5 NAG W . -44.56 40.22 19.52
C6 NAG W . -43.66 39.78 18.36
C7 NAG W . -46.11 43.79 23.34
C8 NAG W . -46.91 44.03 24.59
N2 NAG W . -46.30 42.66 22.64
O3 NAG W . -47.58 42.52 19.99
O4 NAG W . -46.61 40.49 18.19
O5 NAG W . -43.69 40.92 20.51
O6 NAG W . -43.10 38.49 18.59
O7 NAG W . -45.29 44.65 22.97
C1 NAG X . 9.05 -11.76 -17.96
C2 NAG X . 10.55 -11.66 -17.67
C3 NAG X . 11.46 -12.07 -18.81
C4 NAG X . 11.03 -13.38 -19.43
C5 NAG X . 9.54 -13.44 -19.69
C6 NAG X . 9.13 -14.87 -20.00
C7 NAG X . 11.19 -9.27 -18.04
C8 NAG X . 12.51 -8.61 -17.79
N2 NAG X . 10.91 -10.32 -17.26
O3 NAG X . 12.77 -12.27 -18.25
O4 NAG X . 11.74 -13.60 -20.66
O5 NAG X . 8.74 -13.01 -18.59
O6 NAG X . 7.72 -14.87 -20.17
O7 NAG X . 10.43 -8.83 -18.90
C1 NAG Y . -10.12 -19.54 -9.29
C2 NAG Y . -10.05 -19.90 -10.78
C3 NAG Y . -11.09 -19.09 -11.55
C4 NAG Y . -12.46 -19.35 -10.96
C5 NAG Y . -12.47 -19.01 -9.48
C6 NAG Y . -13.79 -19.36 -8.84
C7 NAG Y . -7.68 -19.04 -11.13
C8 NAG Y . -7.74 -17.54 -11.22
N2 NAG Y . -8.75 -19.78 -11.44
O3 NAG Y . -11.08 -19.47 -12.93
O4 NAG Y . -13.40 -18.53 -11.65
O5 NAG Y . -11.46 -19.77 -8.84
O6 NAG Y . -13.72 -19.06 -7.45
O7 NAG Y . -6.63 -19.58 -10.81
#